data_3AWJ
#
_entry.id   3AWJ
#
_cell.length_a   75.6
_cell.length_b   84.1
_cell.length_c   137.7
_cell.angle_alpha   90
_cell.angle_beta   90
_cell.angle_gamma   90
#
_symmetry.space_group_name_H-M   'P 21 21 21'
#
loop_
_entity.id
_entity.type
_entity.pdbx_description
1 polymer 'Chalcone synthase-like polyketide synthase'
2 non-polymer 'COENZYME A'
3 non-polymer 'SULFATE ION'
4 water water
#
_entity_poly.entity_id   1
_entity_poly.type   'polypeptide(L)'
_entity_poly.pdbx_seq_one_letter_code
;GPGMTIKGSGSAAFEGTRLCPRVIKPDGPATILAIGTSNPTNIFEQSTYPDFFFDVTNCNDKTELKKKFQRICDKSGIKK
RHFHLTDEILRKNPSICKFKEASLDPRQDIAVLEVPKLAKEAAISAIKQWGQPKSKITHLVFATTSGVDMPGADFQLAKL
LGLRPTVKRVMLYQQG(CSD)YAGATVLRVAKDLAENNKGARVLVACSEVTAVTFRAPSETHLDGLVGSALFGDGAAALI
VGSDPVPQEEKPLFEIHWAGEAVLPDSDGAINGHLREAGLIFHLLKDVPGLISKNIDKVLAEPLEYVHFPSYNDMFWAVH
PGGPAILDQIEAKLGLSTDKMQASRDVLASYGNMSSASVLFVLDQIRKNSEELHLPTTGEGFEWGFVIGFGPGLTVETLL
LRSINI
;
_entity_poly.pdbx_strand_id   A,B
#
# COMPACT_ATOMS: atom_id res chain seq x y z
N VAL A 23 -4.50 6.36 28.55
CA VAL A 23 -3.95 5.35 27.60
C VAL A 23 -2.43 5.27 27.78
N ILE A 24 -1.94 4.07 28.11
CA ILE A 24 -0.52 3.83 28.31
C ILE A 24 0.14 3.57 26.94
N LYS A 25 1.08 4.45 26.61
CA LYS A 25 1.84 4.38 25.36
C LYS A 25 3.24 3.89 25.71
N PRO A 26 3.94 3.20 24.79
CA PRO A 26 5.28 2.74 25.14
C PRO A 26 6.28 3.90 25.23
N ASP A 27 7.34 3.70 25.99
CA ASP A 27 8.35 4.72 26.23
C ASP A 27 9.50 4.82 25.23
N GLY A 28 10.06 3.68 24.87
CA GLY A 28 11.20 3.66 23.98
C GLY A 28 10.98 3.72 22.47
N PRO A 29 12.07 3.91 21.70
CA PRO A 29 11.99 3.99 20.24
C PRO A 29 11.73 2.61 19.61
N ALA A 30 11.18 2.61 18.40
CA ALA A 30 10.89 1.37 17.67
C ALA A 30 12.21 0.65 17.45
N THR A 31 12.27 -0.58 17.92
CA THR A 31 13.48 -1.36 17.85
C THR A 31 13.34 -2.62 17.02
N ILE A 32 14.35 -2.85 16.17
CA ILE A 32 14.43 -4.04 15.34
C ILE A 32 14.93 -5.12 16.30
N LEU A 33 14.09 -6.13 16.49
CA LEU A 33 14.36 -7.24 17.41
C LEU A 33 14.87 -8.51 16.75
N ALA A 34 14.72 -8.58 15.43
CA ALA A 34 15.15 -9.75 14.67
C ALA A 34 15.10 -9.49 13.18
N ILE A 35 16.05 -10.06 12.44
CA ILE A 35 16.09 -9.94 10.99
C ILE A 35 16.29 -11.35 10.42
N GLY A 36 15.48 -11.67 9.42
CA GLY A 36 15.57 -12.97 8.77
C GLY A 36 15.45 -12.75 7.28
N THR A 37 16.20 -13.53 6.50
CA THR A 37 16.17 -13.40 5.06
C THR A 37 16.00 -14.73 4.32
N SER A 38 15.57 -14.63 3.06
CA SER A 38 15.37 -15.80 2.20
C SER A 38 15.55 -15.38 0.75
N ASN A 39 15.90 -16.35 -0.08
CA ASN A 39 16.11 -16.16 -1.52
C ASN A 39 15.75 -17.49 -2.17
N PRO A 40 15.34 -17.47 -3.46
CA PRO A 40 15.02 -18.73 -4.15
C PRO A 40 16.33 -19.51 -4.33
N THR A 41 16.21 -20.81 -4.51
CA THR A 41 17.37 -21.69 -4.62
C THR A 41 18.10 -21.76 -5.94
N ASN A 42 17.52 -21.19 -7.00
CA ASN A 42 18.15 -21.21 -8.32
C ASN A 42 19.11 -20.05 -8.51
N ILE A 43 20.40 -20.38 -8.46
CA ILE A 43 21.48 -19.41 -8.59
C ILE A 43 21.91 -19.20 -10.04
N PHE A 44 21.95 -17.94 -10.44
CA PHE A 44 22.36 -17.51 -11.77
C PHE A 44 23.57 -16.60 -11.65
N GLU A 45 24.70 -17.07 -12.14
CA GLU A 45 25.97 -16.33 -12.12
C GLU A 45 25.84 -15.18 -13.11
N GLN A 46 26.30 -13.99 -12.69
CA GLN A 46 26.21 -12.79 -13.53
C GLN A 46 27.13 -12.82 -14.75
N SER A 47 28.27 -13.51 -14.61
CA SER A 47 29.26 -13.66 -15.67
C SER A 47 28.66 -14.22 -16.96
N THR A 48 27.82 -15.25 -16.80
CA THR A 48 27.17 -15.90 -17.93
C THR A 48 25.65 -15.69 -18.00
N TYR A 49 25.12 -14.70 -17.27
CA TYR A 49 23.69 -14.39 -17.32
C TYR A 49 23.25 -13.94 -18.74
N PRO A 50 24.09 -13.19 -19.50
CA PRO A 50 23.65 -12.80 -20.84
C PRO A 50 23.39 -13.98 -21.78
N ASP A 51 24.15 -15.07 -21.58
CA ASP A 51 24.00 -16.29 -22.38
C ASP A 51 22.65 -16.95 -22.12
N PHE A 52 22.25 -17.00 -20.84
CA PHE A 52 20.96 -17.57 -20.44
C PHE A 52 19.83 -16.66 -20.91
N PHE A 53 19.94 -15.37 -20.59
CA PHE A 53 18.94 -14.33 -20.89
C PHE A 53 18.55 -14.23 -22.36
N PHE A 54 19.54 -14.18 -23.24
CA PHE A 54 19.28 -14.09 -24.68
C PHE A 54 18.81 -15.42 -25.29
N ASP A 55 19.06 -16.52 -24.60
CA ASP A 55 18.66 -17.85 -25.06
C ASP A 55 17.18 -18.15 -24.73
N VAL A 56 16.73 -17.79 -23.53
CA VAL A 56 15.33 -18.05 -23.13
C VAL A 56 14.31 -17.12 -23.76
N THR A 57 14.76 -15.93 -24.13
CA THR A 57 13.91 -14.93 -24.75
C THR A 57 13.97 -14.97 -26.29
N ASN A 58 14.69 -15.98 -26.81
CA ASN A 58 14.91 -16.23 -28.24
C ASN A 58 15.46 -15.00 -28.97
N CYS A 59 16.46 -14.38 -28.36
CA CYS A 59 17.11 -13.19 -28.87
C CYS A 59 18.60 -13.39 -29.17
N ASN A 60 18.98 -14.61 -29.52
CA ASN A 60 20.38 -14.94 -29.85
C ASN A 60 20.91 -14.22 -31.09
N ASP A 61 19.99 -13.84 -31.97
CA ASP A 61 20.30 -13.13 -33.22
C ASP A 61 20.65 -11.64 -33.00
N LYS A 62 20.24 -11.11 -31.85
CA LYS A 62 20.50 -9.71 -31.46
C LYS A 62 21.90 -9.71 -30.81
N THR A 63 22.91 -9.99 -31.62
CA THR A 63 24.32 -10.08 -31.21
C THR A 63 24.95 -8.82 -30.66
N GLU A 64 24.57 -7.67 -31.21
CA GLU A 64 25.12 -6.38 -30.79
C GLU A 64 24.53 -5.92 -29.45
N LEU A 65 23.28 -6.32 -29.20
CA LEU A 65 22.59 -5.99 -27.96
C LEU A 65 23.09 -6.86 -26.80
N LYS A 66 23.63 -8.04 -27.15
CA LYS A 66 24.19 -8.97 -26.17
C LYS A 66 25.49 -8.45 -25.60
N LYS A 67 26.29 -7.79 -26.45
CA LYS A 67 27.57 -7.21 -26.05
C LYS A 67 27.31 -6.06 -25.08
N LYS A 68 26.23 -5.33 -25.35
CA LYS A 68 25.80 -4.18 -24.52
C LYS A 68 25.32 -4.65 -23.15
N PHE A 69 24.59 -5.78 -23.14
CA PHE A 69 24.07 -6.36 -21.91
C PHE A 69 25.19 -7.04 -21.10
N GLN A 70 26.21 -7.57 -21.81
CA GLN A 70 27.36 -8.22 -21.17
C GLN A 70 28.18 -7.15 -20.47
N ARG A 71 28.32 -5.99 -21.13
CA ARG A 71 29.05 -4.82 -20.60
C ARG A 71 28.39 -4.27 -19.33
N ILE A 72 27.05 -4.19 -19.35
CA ILE A 72 26.25 -3.70 -18.22
C ILE A 72 26.33 -4.71 -17.06
N CYS A 73 26.26 -6.01 -17.37
CA CYS A 73 26.34 -7.08 -16.36
C CYS A 73 27.74 -7.16 -15.73
N ASP A 74 28.77 -6.90 -16.55
CA ASP A 74 30.18 -6.91 -16.11
C ASP A 74 30.48 -5.77 -15.16
N LYS A 75 29.77 -4.66 -15.34
CA LYS A 75 29.93 -3.46 -14.52
C LYS A 75 28.83 -3.28 -13.46
N SER A 76 27.93 -4.26 -13.35
CA SER A 76 26.81 -4.21 -12.39
C SER A 76 27.17 -4.43 -10.93
N GLY A 77 28.39 -4.88 -10.66
CA GLY A 77 28.84 -5.13 -9.30
C GLY A 77 28.15 -6.36 -8.71
N ILE A 78 27.41 -7.07 -9.57
CA ILE A 78 26.69 -8.27 -9.20
C ILE A 78 27.48 -9.46 -9.67
N LYS A 79 27.60 -10.45 -8.79
CA LYS A 79 28.33 -11.67 -9.08
C LYS A 79 27.37 -12.83 -9.28
N LYS A 80 26.28 -12.80 -8.53
CA LYS A 80 25.22 -13.81 -8.64
C LYS A 80 23.88 -13.24 -8.20
N ARG A 81 22.82 -13.87 -8.69
CA ARG A 81 21.45 -13.50 -8.34
C ARG A 81 20.65 -14.77 -8.17
N HIS A 82 19.68 -14.71 -7.28
CA HIS A 82 18.80 -15.84 -7.01
C HIS A 82 17.47 -15.53 -7.68
N PHE A 83 16.97 -16.49 -8.48
CA PHE A 83 15.71 -16.32 -9.19
C PHE A 83 14.76 -17.48 -9.02
N HIS A 84 13.47 -17.17 -9.01
CA HIS A 84 12.45 -18.21 -8.93
C HIS A 84 12.29 -18.75 -10.36
N LEU A 85 12.36 -17.83 -11.33
CA LEU A 85 12.26 -18.14 -12.74
C LEU A 85 13.44 -18.98 -13.21
N THR A 86 13.11 -20.06 -13.93
CA THR A 86 14.10 -20.99 -14.47
C THR A 86 13.78 -21.15 -15.96
N ASP A 87 14.62 -21.92 -16.65
CA ASP A 87 14.44 -22.22 -18.07
C ASP A 87 13.12 -22.98 -18.25
N GLU A 88 12.84 -23.86 -17.28
CA GLU A 88 11.64 -24.69 -17.23
C GLU A 88 10.33 -23.88 -17.06
N ILE A 89 10.32 -22.94 -16.13
CA ILE A 89 9.15 -22.08 -15.87
C ILE A 89 8.91 -21.09 -17.02
N LEU A 90 9.99 -20.62 -17.64
CA LEU A 90 9.89 -19.69 -18.78
C LEU A 90 9.46 -20.38 -20.07
N ARG A 91 9.64 -21.71 -20.11
CA ARG A 91 9.26 -22.55 -21.25
C ARG A 91 7.76 -22.86 -21.13
N LYS A 92 7.30 -23.02 -19.89
CA LYS A 92 5.89 -23.31 -19.57
C LYS A 92 5.02 -22.06 -19.70
N ASN A 93 5.65 -20.88 -19.63
CA ASN A 93 4.97 -19.60 -19.76
C ASN A 93 5.75 -18.78 -20.81
N PRO A 94 5.58 -19.09 -22.13
CA PRO A 94 6.30 -18.38 -23.21
C PRO A 94 6.07 -16.90 -23.41
N SER A 95 4.92 -16.38 -22.96
CA SER A 95 4.60 -14.96 -23.12
C SER A 95 5.49 -14.01 -22.30
N ILE A 96 6.07 -14.54 -21.22
CA ILE A 96 6.96 -13.79 -20.33
C ILE A 96 8.30 -13.52 -21.03
N CYS A 97 8.63 -14.39 -21.99
CA CYS A 97 9.85 -14.32 -22.80
C CYS A 97 9.70 -13.39 -24.01
N LYS A 98 8.45 -13.01 -24.30
CA LYS A 98 8.13 -12.12 -25.41
C LYS A 98 8.14 -10.66 -24.95
N PHE A 99 8.53 -9.76 -25.86
CA PHE A 99 8.62 -8.33 -25.55
C PHE A 99 7.31 -7.59 -25.20
N LYS A 100 6.40 -7.47 -26.16
CA LYS A 100 5.15 -6.73 -25.96
C LYS A 100 3.85 -7.54 -25.84
N GLU A 101 3.94 -8.86 -25.99
CA GLU A 101 2.78 -9.76 -25.89
C GLU A 101 2.15 -9.77 -24.50
N ALA A 102 0.82 -9.95 -24.47
CA ALA A 102 0.02 -10.00 -23.25
C ALA A 102 0.54 -11.10 -22.33
N SER A 103 1.17 -10.68 -21.24
CA SER A 103 1.78 -11.60 -20.30
C SER A 103 1.54 -11.37 -18.83
N LEU A 104 0.71 -10.39 -18.47
CA LEU A 104 0.45 -10.11 -17.06
C LEU A 104 -0.16 -11.28 -16.29
N ASP A 105 -1.10 -12.00 -16.90
CA ASP A 105 -1.77 -13.14 -16.25
C ASP A 105 -0.80 -14.24 -15.75
N PRO A 106 0.10 -14.79 -16.62
CA PRO A 106 1.00 -15.82 -16.05
C PRO A 106 2.07 -15.28 -15.08
N ARG A 107 2.42 -13.99 -15.24
CA ARG A 107 3.41 -13.33 -14.35
C ARG A 107 2.82 -13.19 -12.94
N GLN A 108 1.54 -12.78 -12.88
CA GLN A 108 0.79 -12.63 -11.64
C GLN A 108 0.59 -13.96 -10.93
N ASP A 109 0.18 -14.98 -11.69
CA ASP A 109 -0.05 -16.33 -11.14
C ASP A 109 1.18 -16.91 -10.43
N ILE A 110 2.36 -16.54 -10.94
CA ILE A 110 3.64 -16.96 -10.36
C ILE A 110 3.94 -16.08 -9.14
N ALA A 111 3.90 -14.76 -9.33
CA ALA A 111 4.18 -13.78 -8.26
C ALA A 111 3.29 -13.85 -7.04
N VAL A 112 1.97 -13.90 -7.24
CA VAL A 112 0.96 -13.96 -6.17
C VAL A 112 1.16 -15.13 -5.21
N LEU A 113 1.70 -16.22 -5.74
CA LEU A 113 1.96 -17.42 -4.96
C LEU A 113 3.34 -17.40 -4.33
N GLU A 114 4.36 -17.03 -5.12
CA GLU A 114 5.74 -17.01 -4.65
C GLU A 114 6.20 -15.89 -3.72
N VAL A 115 5.61 -14.70 -3.86
CA VAL A 115 5.95 -13.55 -3.02
C VAL A 115 5.65 -13.85 -1.51
N PRO A 116 4.43 -14.35 -1.16
CA PRO A 116 4.24 -14.62 0.27
C PRO A 116 4.96 -15.89 0.75
N LYS A 117 5.22 -16.83 -0.17
CA LYS A 117 5.90 -18.09 0.14
C LYS A 117 7.37 -17.80 0.49
N LEU A 118 7.98 -16.89 -0.25
CA LEU A 118 9.36 -16.50 -0.01
C LEU A 118 9.45 -15.70 1.31
N ALA A 119 8.45 -14.85 1.55
CA ALA A 119 8.37 -14.04 2.76
C ALA A 119 8.13 -14.91 3.99
N LYS A 120 7.47 -16.06 3.79
CA LYS A 120 7.18 -17.03 4.85
C LYS A 120 8.47 -17.59 5.41
N GLU A 121 9.40 -17.94 4.52
CA GLU A 121 10.70 -18.50 4.92
C GLU A 121 11.52 -17.44 5.65
N ALA A 122 11.44 -16.19 5.18
CA ALA A 122 12.15 -15.07 5.80
C ALA A 122 11.55 -14.75 7.16
N ALA A 123 10.21 -14.82 7.24
CA ALA A 123 9.46 -14.56 8.47
C ALA A 123 9.70 -15.61 9.55
N ILE A 124 9.75 -16.89 9.13
CA ILE A 124 10.01 -18.00 10.04
C ILE A 124 11.39 -17.82 10.67
N SER A 125 12.36 -17.42 9.85
CA SER A 125 13.73 -17.20 10.31
C SER A 125 13.81 -16.01 11.26
N ALA A 126 13.02 -14.96 11.00
CA ALA A 126 12.99 -13.77 11.85
C ALA A 126 12.31 -14.08 13.18
N ILE A 127 11.21 -14.84 13.14
CA ILE A 127 10.46 -15.23 14.33
C ILE A 127 11.29 -16.18 15.21
N LYS A 128 12.03 -17.10 14.58
CA LYS A 128 12.88 -18.07 15.28
C LYS A 128 14.03 -17.34 15.99
N GLN A 129 14.59 -16.34 15.30
CA GLN A 129 15.68 -15.52 15.83
C GLN A 129 15.20 -14.64 17.00
N TRP A 130 13.94 -14.20 16.92
CA TRP A 130 13.28 -13.35 17.92
C TRP A 130 13.10 -14.11 19.24
N GLY A 131 12.62 -15.35 19.13
CA GLY A 131 12.44 -16.21 20.29
C GLY A 131 11.12 -16.15 21.03
N GLN A 132 10.17 -15.40 20.47
CA GLN A 132 8.85 -15.26 21.07
C GLN A 132 7.81 -15.94 20.16
N PRO A 133 6.64 -16.34 20.73
CA PRO A 133 5.63 -16.99 19.86
C PRO A 133 5.02 -16.04 18.83
N LYS A 134 4.65 -16.60 17.68
CA LYS A 134 4.06 -15.82 16.58
C LYS A 134 2.72 -15.17 16.92
N SER A 135 2.12 -15.61 18.04
CA SER A 135 0.84 -15.09 18.52
C SER A 135 0.99 -13.69 19.12
N LYS A 136 2.24 -13.31 19.42
CA LYS A 136 2.53 -11.99 19.98
C LYS A 136 2.65 -10.92 18.91
N ILE A 137 2.63 -11.34 17.64
CA ILE A 137 2.70 -10.42 16.51
C ILE A 137 1.30 -9.82 16.35
N THR A 138 1.26 -8.51 16.53
CA THR A 138 0.02 -7.74 16.45
C THR A 138 -0.13 -6.99 15.13
N HIS A 139 0.99 -6.66 14.49
CA HIS A 139 0.96 -5.92 13.23
C HIS A 139 1.78 -6.58 12.12
N LEU A 140 1.36 -6.37 10.87
CA LEU A 140 2.07 -6.90 9.73
C LEU A 140 2.15 -5.85 8.62
N VAL A 141 3.39 -5.49 8.27
CA VAL A 141 3.65 -4.53 7.22
C VAL A 141 4.37 -5.28 6.13
N PHE A 142 3.74 -5.33 4.95
CA PHE A 142 4.29 -6.06 3.83
C PHE A 142 4.50 -5.13 2.65
N ALA A 143 5.64 -5.30 1.98
CA ALA A 143 5.94 -4.52 0.79
C ALA A 143 6.41 -5.42 -0.34
N THR A 144 5.85 -5.17 -1.51
CA THR A 144 6.22 -5.88 -2.73
C THR A 144 5.85 -5.07 -3.95
N THR A 145 6.66 -5.22 -4.99
CA THR A 145 6.47 -4.54 -6.26
C THR A 145 6.34 -5.65 -7.32
N SER A 146 6.21 -6.89 -6.82
CA SER A 146 6.09 -8.07 -7.66
C SER A 146 4.64 -8.52 -7.80
N GLY A 147 3.86 -7.74 -8.55
CA GLY A 147 2.46 -8.05 -8.77
C GLY A 147 1.50 -7.65 -7.66
N VAL A 148 0.22 -7.58 -8.01
CA VAL A 148 -0.85 -7.23 -7.07
C VAL A 148 -1.94 -8.29 -7.04
N ASP A 149 -2.64 -8.39 -5.91
CA ASP A 149 -3.75 -9.34 -5.73
C ASP A 149 -4.63 -8.93 -4.57
N MET A 150 -5.89 -9.40 -4.62
CA MET A 150 -6.88 -9.14 -3.58
C MET A 150 -7.52 -10.48 -3.22
N PRO A 151 -7.30 -10.99 -1.98
CA PRO A 151 -6.54 -10.47 -0.84
C PRO A 151 -5.04 -10.38 -1.10
N GLY A 152 -4.40 -9.36 -0.53
CA GLY A 152 -2.99 -9.12 -0.75
C GLY A 152 -2.00 -10.14 -0.21
N ALA A 153 -0.73 -9.89 -0.51
CA ALA A 153 0.38 -10.74 -0.05
C ALA A 153 0.49 -10.72 1.48
N ASP A 154 0.01 -9.62 2.09
CA ASP A 154 0.00 -9.45 3.55
C ASP A 154 -0.91 -10.47 4.20
N PHE A 155 -2.09 -10.66 3.61
CA PHE A 155 -3.09 -11.62 4.07
C PHE A 155 -2.54 -13.03 3.88
N GLN A 156 -1.97 -13.27 2.70
CA GLN A 156 -1.42 -14.58 2.36
C GLN A 156 -0.32 -15.01 3.32
N LEU A 157 0.55 -14.06 3.68
CA LEU A 157 1.64 -14.31 4.61
C LEU A 157 1.08 -14.61 6.00
N ALA A 158 0.12 -13.79 6.43
CA ALA A 158 -0.53 -13.94 7.75
C ALA A 158 -1.20 -15.30 7.90
N LYS A 159 -1.78 -15.78 6.80
CA LYS A 159 -2.47 -17.07 6.75
C LYS A 159 -1.44 -18.21 6.73
N LEU A 160 -0.37 -18.06 5.93
CA LEU A 160 0.69 -19.06 5.83
C LEU A 160 1.42 -19.29 7.15
N LEU A 161 1.63 -18.20 7.89
CA LEU A 161 2.31 -18.25 9.19
C LEU A 161 1.42 -18.65 10.35
N GLY A 162 0.11 -18.43 10.20
CA GLY A 162 -0.84 -18.75 11.25
C GLY A 162 -0.89 -17.66 12.32
N LEU A 163 -0.76 -16.40 11.90
CA LEU A 163 -0.81 -15.26 12.83
C LEU A 163 -2.25 -15.07 13.29
N ARG A 164 -2.43 -14.29 14.36
CA ARG A 164 -3.76 -13.99 14.91
C ARG A 164 -4.66 -13.40 13.79
N PRO A 165 -5.93 -13.82 13.70
CA PRO A 165 -6.83 -13.29 12.65
C PRO A 165 -7.08 -11.78 12.75
N THR A 166 -6.68 -11.20 13.88
CA THR A 166 -6.82 -9.79 14.15
C THR A 166 -5.54 -8.97 13.93
N VAL A 167 -4.59 -9.53 13.18
CA VAL A 167 -3.32 -8.86 12.88
C VAL A 167 -3.61 -7.60 12.05
N LYS A 168 -3.12 -6.44 12.52
CA LYS A 168 -3.32 -5.17 11.83
C LYS A 168 -2.34 -5.08 10.68
N ARG A 169 -2.87 -5.06 9.46
CA ARG A 169 -2.07 -5.05 8.26
C ARG A 169 -1.91 -3.77 7.47
N VAL A 170 -0.70 -3.56 6.95
CA VAL A 170 -0.37 -2.42 6.11
C VAL A 170 0.31 -3.04 4.88
N MET A 171 -0.45 -3.10 3.81
CA MET A 171 0.01 -3.68 2.56
C MET A 171 0.50 -2.59 1.61
N LEU A 172 1.81 -2.59 1.37
CA LEU A 172 2.44 -1.61 0.49
C LEU A 172 2.82 -2.19 -0.86
N TYR A 173 1.89 -2.04 -1.80
CA TYR A 173 2.05 -2.52 -3.16
C TYR A 173 2.64 -1.46 -4.08
N GLN A 174 3.50 -1.93 -4.99
CA GLN A 174 4.16 -1.13 -6.03
C GLN A 174 4.89 0.14 -5.60
N GLN A 175 5.59 0.06 -4.47
CA GLN A 175 6.34 1.22 -3.98
C GLN A 175 7.79 1.23 -4.42
N GLY A 176 8.19 0.20 -5.17
CA GLY A 176 9.54 0.13 -5.69
C GLY A 176 10.64 -0.10 -4.67
N TYR A 178 12.29 1.96 -2.62
CA TYR A 178 12.39 2.70 -1.36
C TYR A 178 11.56 2.02 -0.28
N ALA A 179 10.78 1.01 -0.68
CA ALA A 179 9.88 0.28 0.21
C ALA A 179 10.49 -0.44 1.40
N GLY A 180 11.79 -0.71 1.33
CA GLY A 180 12.50 -1.35 2.44
C GLY A 180 12.59 -0.36 3.57
N ALA A 181 12.68 0.92 3.19
CA ALA A 181 12.74 2.00 4.16
C ALA A 181 11.32 2.39 4.60
N THR A 182 10.34 2.35 3.69
CA THR A 182 8.94 2.69 3.99
C THR A 182 8.34 1.76 5.06
N VAL A 183 8.61 0.46 4.94
CA VAL A 183 8.11 -0.52 5.91
C VAL A 183 8.60 -0.25 7.33
N LEU A 184 9.84 0.20 7.45
CA LEU A 184 10.44 0.53 8.74
C LEU A 184 9.90 1.85 9.28
N ARG A 185 9.54 2.76 8.37
CA ARG A 185 8.97 4.08 8.74
C ARG A 185 7.55 3.84 9.26
N VAL A 186 6.82 2.94 8.60
CA VAL A 186 5.45 2.59 9.00
C VAL A 186 5.51 1.81 10.32
N ALA A 187 6.41 0.84 10.41
CA ALA A 187 6.60 0.01 11.62
C ALA A 187 6.96 0.86 12.84
N LYS A 188 7.69 1.96 12.59
CA LYS A 188 8.11 2.88 13.65
C LYS A 188 6.88 3.45 14.35
N ASP A 189 5.96 4.03 13.58
CA ASP A 189 4.73 4.59 14.15
C ASP A 189 3.78 3.56 14.78
N LEU A 190 3.69 2.36 14.21
CA LEU A 190 2.82 1.29 14.74
C LEU A 190 3.36 0.73 16.07
N ALA A 191 4.68 0.53 16.14
CA ALA A 191 5.33 0.00 17.34
C ALA A 191 5.35 1.00 18.49
N GLU A 192 5.67 2.26 18.16
CA GLU A 192 5.76 3.34 19.16
C GLU A 192 4.44 3.88 19.67
N ASN A 193 3.34 3.63 18.96
CA ASN A 193 2.04 4.14 19.38
C ASN A 193 1.12 3.09 20.04
N ASN A 194 1.54 1.84 20.04
CA ASN A 194 0.70 0.78 20.61
C ASN A 194 1.49 -0.08 21.60
N LYS A 195 1.06 -0.05 22.87
CA LYS A 195 1.72 -0.81 23.94
C LYS A 195 1.70 -2.31 23.66
N GLY A 196 2.88 -2.93 23.73
CA GLY A 196 3.02 -4.35 23.48
C GLY A 196 3.03 -4.76 22.01
N ALA A 197 2.95 -3.78 21.11
CA ALA A 197 2.91 -4.06 19.69
C ALA A 197 4.21 -4.62 19.17
N ARG A 198 4.08 -5.72 18.46
CA ARG A 198 5.20 -6.40 17.84
C ARG A 198 4.83 -6.53 16.39
N VAL A 199 5.51 -5.73 15.57
CA VAL A 199 5.28 -5.65 14.13
C VAL A 199 6.14 -6.58 13.28
N LEU A 200 5.48 -7.40 12.46
CA LEU A 200 6.22 -8.25 11.54
C LEU A 200 6.29 -7.46 10.24
N VAL A 201 7.52 -7.16 9.84
CA VAL A 201 7.79 -6.42 8.63
C VAL A 201 8.26 -7.45 7.62
N ALA A 202 7.76 -7.35 6.38
CA ALA A 202 8.16 -8.29 5.35
C ALA A 202 8.24 -7.62 4.00
N CYS A 203 9.35 -7.83 3.31
CA CYS A 203 9.55 -7.29 1.97
C CYS A 203 9.94 -8.49 1.15
N SER A 204 9.21 -8.72 0.07
CA SER A 204 9.45 -9.86 -0.78
C SER A 204 9.34 -9.51 -2.25
N GLU A 205 10.40 -9.77 -3.00
CA GLU A 205 10.43 -9.48 -4.42
C GLU A 205 10.79 -10.68 -5.27
N VAL A 206 9.93 -10.97 -6.25
CA VAL A 206 10.09 -12.06 -7.22
C VAL A 206 9.92 -11.37 -8.58
N THR A 207 10.98 -11.40 -9.39
CA THR A 207 11.02 -10.76 -10.71
C THR A 207 10.17 -11.27 -11.86
N ALA A 208 9.14 -12.06 -11.55
CA ALA A 208 8.24 -12.62 -12.57
C ALA A 208 7.50 -11.55 -13.37
N VAL A 209 7.14 -10.44 -12.71
CA VAL A 209 6.44 -9.35 -13.37
C VAL A 209 7.34 -8.35 -14.10
N THR A 210 8.60 -8.26 -13.69
CA THR A 210 9.57 -7.34 -14.30
C THR A 210 10.45 -7.97 -15.37
N PHE A 211 10.41 -9.30 -15.51
CA PHE A 211 11.21 -10.03 -16.50
C PHE A 211 10.84 -9.54 -17.89
N ARG A 212 11.76 -8.79 -18.49
CA ARG A 212 11.56 -8.21 -19.80
C ARG A 212 12.53 -8.75 -20.82
N ALA A 213 12.00 -9.15 -21.97
CA ALA A 213 12.81 -9.65 -23.08
C ALA A 213 13.63 -8.44 -23.56
N PRO A 214 14.91 -8.66 -23.95
CA PRO A 214 15.75 -7.55 -24.41
C PRO A 214 15.29 -6.94 -25.73
N SER A 215 15.39 -5.61 -25.81
CA SER A 215 14.99 -4.87 -26.99
C SER A 215 15.90 -3.68 -27.18
N GLU A 216 16.16 -3.37 -28.45
CA GLU A 216 16.98 -2.25 -28.86
C GLU A 216 16.27 -0.93 -28.57
N THR A 217 14.96 -1.03 -28.32
CA THR A 217 14.07 0.12 -28.02
C THR A 217 13.91 0.35 -26.51
N HIS A 218 14.46 -0.54 -25.69
CA HIS A 218 14.33 -0.45 -24.23
C HIS A 218 15.69 -0.73 -23.54
N LEU A 219 16.62 0.23 -23.67
CA LEU A 219 17.95 0.11 -23.08
C LEU A 219 17.93 0.21 -21.56
N ASP A 220 16.94 0.93 -21.04
CA ASP A 220 16.73 1.07 -19.60
C ASP A 220 16.16 -0.24 -19.04
N GLY A 221 15.67 -1.07 -19.96
CA GLY A 221 15.12 -2.38 -19.63
C GLY A 221 16.25 -3.39 -19.50
N LEU A 222 17.39 -3.12 -20.14
CA LEU A 222 18.58 -3.97 -20.06
C LEU A 222 19.25 -3.78 -18.72
N VAL A 223 19.16 -2.55 -18.19
CA VAL A 223 19.73 -2.18 -16.90
C VAL A 223 18.96 -2.92 -15.80
N GLY A 224 17.63 -2.88 -15.89
CA GLY A 224 16.77 -3.57 -14.93
C GLY A 224 16.96 -5.07 -14.96
N SER A 225 17.21 -5.61 -16.15
CA SER A 225 17.42 -7.05 -16.35
C SER A 225 18.77 -7.52 -15.80
N ALA A 226 19.72 -6.58 -15.71
CA ALA A 226 21.05 -6.87 -15.20
C ALA A 226 21.11 -6.72 -13.70
N LEU A 227 20.21 -5.90 -13.16
CA LEU A 227 20.18 -5.61 -11.73
C LEU A 227 19.20 -6.36 -10.84
N PHE A 228 17.95 -6.45 -11.26
CA PHE A 228 16.90 -7.09 -10.45
C PHE A 228 17.02 -8.58 -10.11
N GLY A 229 17.03 -8.86 -8.81
CA GLY A 229 17.12 -10.22 -8.31
C GLY A 229 15.99 -10.53 -7.35
N ASP A 230 15.85 -11.80 -6.97
CA ASP A 230 14.79 -12.18 -6.03
C ASP A 230 15.30 -12.31 -4.61
N GLY A 231 14.40 -12.02 -3.67
CA GLY A 231 14.75 -12.12 -2.27
C GLY A 231 13.65 -11.59 -1.37
N ALA A 232 13.72 -12.00 -0.11
CA ALA A 232 12.77 -11.56 0.89
C ALA A 232 13.47 -11.34 2.20
N ALA A 233 13.02 -10.33 2.93
CA ALA A 233 13.58 -10.00 4.21
C ALA A 233 12.43 -9.75 5.16
N ALA A 234 12.58 -10.22 6.39
CA ALA A 234 11.58 -10.04 7.40
C ALA A 234 12.17 -9.60 8.71
N LEU A 235 11.46 -8.71 9.39
CA LEU A 235 11.91 -8.16 10.67
C LEU A 235 10.80 -8.09 11.69
N ILE A 236 11.20 -8.08 12.96
CA ILE A 236 10.26 -7.93 14.06
C ILE A 236 10.65 -6.57 14.64
N VAL A 237 9.68 -5.65 14.65
CA VAL A 237 9.90 -4.31 15.16
C VAL A 237 8.96 -4.08 16.34
N GLY A 238 9.52 -3.57 17.44
CA GLY A 238 8.73 -3.29 18.62
C GLY A 238 9.42 -2.32 19.56
N SER A 239 8.61 -1.58 20.31
CA SER A 239 9.12 -0.64 21.31
C SER A 239 9.13 -1.37 22.65
N ASP A 240 9.93 -0.84 23.60
CA ASP A 240 10.10 -1.39 24.95
C ASP A 240 10.44 -2.89 24.95
N PRO A 241 11.68 -3.24 24.57
CA PRO A 241 12.08 -4.66 24.53
C PRO A 241 12.08 -5.23 25.93
N VAL A 242 11.62 -6.47 26.06
CA VAL A 242 11.57 -7.14 27.35
C VAL A 242 13.01 -7.60 27.65
N PRO A 243 13.64 -7.06 28.72
CA PRO A 243 15.02 -7.44 29.07
C PRO A 243 15.20 -8.94 29.36
N GLN A 244 16.32 -9.48 28.90
CA GLN A 244 16.70 -10.90 29.04
C GLN A 244 15.73 -11.85 28.33
N GLU A 245 15.01 -11.34 27.33
CA GLU A 245 14.03 -12.10 26.57
C GLU A 245 14.16 -11.79 25.08
N GLU A 246 14.18 -10.49 24.76
CA GLU A 246 14.31 -10.01 23.40
C GLU A 246 15.68 -9.36 23.25
N LYS A 247 16.28 -9.51 22.06
CA LYS A 247 17.61 -8.97 21.80
C LYS A 247 17.55 -7.80 20.80
N PRO A 248 17.65 -6.54 21.30
CA PRO A 248 17.61 -5.34 20.46
C PRO A 248 18.81 -5.30 19.49
N LEU A 249 18.51 -5.05 18.21
CA LEU A 249 19.55 -4.99 17.18
C LEU A 249 19.82 -3.57 16.71
N PHE A 250 18.75 -2.82 16.42
CA PHE A 250 18.85 -1.43 15.94
C PHE A 250 17.62 -0.67 16.44
N GLU A 251 17.80 0.60 16.81
CA GLU A 251 16.71 1.45 17.27
C GLU A 251 16.40 2.47 16.18
N ILE A 252 15.13 2.65 15.84
CA ILE A 252 14.71 3.64 14.83
C ILE A 252 14.44 4.95 15.56
N HIS A 253 15.21 5.99 15.24
CA HIS A 253 15.04 7.29 15.89
C HIS A 253 14.37 8.39 15.07
N TRP A 254 14.49 8.30 13.75
CA TRP A 254 13.88 9.27 12.85
C TRP A 254 13.56 8.56 11.54
N ALA A 255 12.47 8.97 10.92
CA ALA A 255 12.02 8.42 9.66
C ALA A 255 11.38 9.52 8.83
N GLY A 256 11.81 9.59 7.56
CA GLY A 256 11.26 10.59 6.67
C GLY A 256 11.64 10.32 5.24
N GLU A 257 11.19 11.20 4.36
CA GLU A 257 11.46 11.07 2.94
C GLU A 257 11.55 12.41 2.23
N ALA A 258 11.90 12.35 0.95
CA ALA A 258 12.04 13.54 0.13
C ALA A 258 11.95 13.22 -1.35
N VAL A 259 11.19 14.05 -2.06
CA VAL A 259 11.07 13.95 -3.50
C VAL A 259 12.16 14.94 -3.94
N LEU A 260 13.11 14.43 -4.72
CA LEU A 260 14.23 15.24 -5.21
C LEU A 260 13.81 16.23 -6.29
N PRO A 261 14.34 17.48 -6.26
CA PRO A 261 14.00 18.49 -7.28
C PRO A 261 14.52 18.05 -8.65
N ASP A 262 13.74 18.39 -9.70
CA ASP A 262 14.06 18.09 -11.11
C ASP A 262 14.31 16.60 -11.40
N SER A 263 13.53 15.75 -10.75
CA SER A 263 13.65 14.32 -10.89
C SER A 263 12.40 13.65 -11.43
N ASP A 264 11.54 14.44 -12.08
CA ASP A 264 10.29 13.96 -12.64
C ASP A 264 10.51 12.90 -13.71
N GLY A 265 9.94 11.72 -13.47
CA GLY A 265 10.05 10.59 -14.38
C GLY A 265 11.38 9.85 -14.39
N ALA A 266 12.20 10.07 -13.37
CA ALA A 266 13.53 9.43 -13.26
C ALA A 266 13.41 7.92 -13.12
N ILE A 267 12.45 7.47 -12.30
CA ILE A 267 12.18 6.04 -12.09
C ILE A 267 10.65 5.88 -12.18
N ASN A 268 10.20 5.34 -13.31
CA ASN A 268 8.78 5.11 -13.55
C ASN A 268 8.54 3.61 -13.72
N GLY A 269 7.37 3.17 -13.30
CA GLY A 269 7.02 1.77 -13.42
C GLY A 269 5.53 1.69 -13.69
N HIS A 270 5.17 1.02 -14.77
CA HIS A 270 3.76 0.90 -15.13
C HIS A 270 3.39 -0.57 -15.25
N LEU A 271 2.31 -0.96 -14.57
CA LEU A 271 1.83 -2.34 -14.63
C LEU A 271 0.90 -2.43 -15.83
N ARG A 272 1.47 -2.91 -16.93
CA ARG A 272 0.75 -3.04 -18.19
C ARG A 272 0.37 -4.48 -18.49
N GLU A 273 -0.20 -4.70 -19.67
CA GLU A 273 -0.61 -6.04 -20.14
C GLU A 273 0.61 -6.92 -20.39
N ALA A 274 1.70 -6.28 -20.80
CA ALA A 274 2.98 -6.96 -21.07
C ALA A 274 3.77 -7.18 -19.78
N GLY A 275 3.21 -6.72 -18.66
CA GLY A 275 3.85 -6.85 -17.36
C GLY A 275 4.29 -5.51 -16.79
N LEU A 276 5.15 -5.55 -15.78
CA LEU A 276 5.66 -4.32 -15.17
C LEU A 276 6.82 -3.76 -15.97
N ILE A 277 6.56 -2.61 -16.60
CA ILE A 277 7.53 -1.91 -17.44
C ILE A 277 8.24 -0.81 -16.66
N PHE A 278 9.55 -0.95 -16.49
CA PHE A 278 10.35 0.04 -15.79
C PHE A 278 11.01 1.00 -16.78
N HIS A 279 10.99 2.28 -16.43
CA HIS A 279 11.62 3.33 -17.24
C HIS A 279 12.59 4.04 -16.30
N LEU A 280 13.88 3.71 -16.47
CA LEU A 280 14.96 4.25 -15.66
C LEU A 280 15.84 5.19 -16.48
N LEU A 281 15.85 6.48 -16.13
CA LEU A 281 16.70 7.44 -16.83
C LEU A 281 18.13 7.28 -16.30
N LYS A 282 19.11 7.48 -17.17
CA LYS A 282 20.54 7.34 -16.81
C LYS A 282 21.02 8.34 -15.76
N ASP A 283 20.22 9.37 -15.53
CA ASP A 283 20.51 10.44 -14.58
C ASP A 283 20.17 10.13 -13.12
N VAL A 284 19.67 8.93 -12.84
CA VAL A 284 19.30 8.49 -11.48
C VAL A 284 20.45 8.52 -10.45
N PRO A 285 21.65 7.94 -10.75
CA PRO A 285 22.70 8.01 -9.73
C PRO A 285 23.20 9.43 -9.45
N GLY A 286 23.17 10.27 -10.49
CA GLY A 286 23.59 11.66 -10.39
C GLY A 286 22.63 12.52 -9.59
N LEU A 287 21.33 12.27 -9.76
CA LEU A 287 20.28 13.00 -9.04
C LEU A 287 20.29 12.71 -7.53
N ILE A 288 20.63 11.47 -7.18
CA ILE A 288 20.71 11.05 -5.78
C ILE A 288 21.95 11.68 -5.13
N SER A 289 23.09 11.61 -5.83
CA SER A 289 24.36 12.19 -5.36
C SER A 289 24.31 13.68 -5.10
N LYS A 290 23.69 14.41 -6.03
CA LYS A 290 23.55 15.85 -5.96
C LYS A 290 22.71 16.30 -4.75
N ASN A 291 21.72 15.50 -4.40
CA ASN A 291 20.82 15.81 -3.30
C ASN A 291 20.96 15.06 -1.98
N ILE A 292 21.77 13.99 -1.95
CA ILE A 292 21.94 13.17 -0.74
C ILE A 292 22.33 13.92 0.55
N ASP A 293 23.17 14.95 0.42
CA ASP A 293 23.59 15.74 1.58
C ASP A 293 22.41 16.52 2.16
N LYS A 294 21.57 17.08 1.28
CA LYS A 294 20.37 17.84 1.68
C LYS A 294 19.30 16.93 2.29
N VAL A 295 19.19 15.71 1.74
CA VAL A 295 18.22 14.70 2.20
C VAL A 295 18.56 14.23 3.62
N LEU A 296 19.86 14.15 3.91
CA LEU A 296 20.32 13.71 5.22
C LEU A 296 20.45 14.84 6.23
N ALA A 297 20.16 16.08 5.82
CA ALA A 297 20.25 17.25 6.69
C ALA A 297 19.44 17.21 7.98
N GLU A 298 18.15 16.87 7.88
CA GLU A 298 17.26 16.80 9.04
C GLU A 298 17.62 15.73 10.08
N PRO A 299 17.92 14.47 9.67
CA PRO A 299 18.29 13.51 10.72
C PRO A 299 19.67 13.75 11.34
N LEU A 300 20.56 14.38 10.58
CA LEU A 300 21.90 14.70 11.08
C LEU A 300 21.85 15.73 12.20
N GLU A 301 21.00 16.76 12.07
CA GLU A 301 20.86 17.80 13.09
C GLU A 301 20.17 17.33 14.36
N TYR A 302 19.37 16.27 14.22
CA TYR A 302 18.63 15.65 15.32
C TYR A 302 19.66 15.02 16.26
N VAL A 303 20.75 14.51 15.68
CA VAL A 303 21.82 13.88 16.44
C VAL A 303 23.16 14.63 16.47
N HIS A 304 23.04 15.96 16.37
CA HIS A 304 24.17 16.90 16.45
C HIS A 304 25.31 16.77 15.43
N PHE A 305 24.95 16.59 14.17
CA PHE A 305 25.86 16.46 13.02
C PHE A 305 27.11 15.57 13.17
N PRO A 306 26.92 14.25 13.39
CA PRO A 306 28.10 13.39 13.52
C PRO A 306 28.75 13.24 12.15
N SER A 307 30.06 13.02 12.14
CA SER A 307 30.79 12.85 10.88
C SER A 307 30.22 11.64 10.14
N TYR A 308 30.11 11.78 8.82
CA TYR A 308 29.60 10.72 7.95
C TYR A 308 30.40 9.43 8.09
N ASN A 309 31.69 9.60 8.36
CA ASN A 309 32.60 8.47 8.54
C ASN A 309 32.56 7.87 9.95
N ASP A 310 31.68 8.40 10.80
CA ASP A 310 31.47 7.89 12.16
C ASP A 310 30.07 7.24 12.23
N MET A 311 29.47 7.01 11.05
CA MET A 311 28.14 6.41 10.94
C MET A 311 28.11 5.13 10.13
N PHE A 312 27.15 4.24 10.38
CA PHE A 312 27.03 3.01 9.57
C PHE A 312 26.05 3.27 8.42
N TRP A 313 26.26 2.57 7.30
CA TRP A 313 25.45 2.80 6.10
C TRP A 313 24.74 1.60 5.50
N ALA A 314 23.41 1.65 5.58
CA ALA A 314 22.56 0.61 5.00
C ALA A 314 21.89 1.30 3.84
N VAL A 315 22.61 1.39 2.73
CA VAL A 315 22.11 2.05 1.53
C VAL A 315 21.63 1.00 0.54
N HIS A 316 20.47 1.25 -0.05
CA HIS A 316 19.87 0.38 -1.05
C HIS A 316 20.81 0.24 -2.26
N PRO A 317 21.20 -1.01 -2.59
CA PRO A 317 22.09 -1.23 -3.74
C PRO A 317 21.32 -1.23 -5.06
N GLY A 318 20.81 -0.05 -5.42
CA GLY A 318 20.04 0.12 -6.65
C GLY A 318 20.83 -0.17 -7.89
N GLY A 319 22.13 0.08 -7.78
CA GLY A 319 23.10 -0.15 -8.84
C GLY A 319 24.43 0.28 -8.25
N PRO A 320 25.58 -0.13 -8.83
CA PRO A 320 26.89 0.26 -8.30
C PRO A 320 27.19 1.76 -8.43
N ALA A 321 26.67 2.38 -9.50
CA ALA A 321 26.85 3.81 -9.77
C ALA A 321 26.23 4.68 -8.70
N ILE A 322 25.15 4.19 -8.08
CA ILE A 322 24.50 4.93 -6.99
C ILE A 322 25.39 4.89 -5.74
N LEU A 323 25.92 3.71 -5.42
CA LEU A 323 26.79 3.53 -4.26
C LEU A 323 28.12 4.26 -4.42
N ASP A 324 28.70 4.17 -5.61
CA ASP A 324 29.98 4.83 -5.95
C ASP A 324 29.90 6.35 -5.84
N GLN A 325 28.81 6.90 -6.37
CA GLN A 325 28.59 8.34 -6.39
C GLN A 325 28.16 8.95 -5.06
N ILE A 326 27.51 8.18 -4.19
CA ILE A 326 27.13 8.68 -2.85
C ILE A 326 28.43 8.67 -2.03
N GLU A 327 29.21 7.61 -2.20
CA GLU A 327 30.51 7.43 -1.52
C GLU A 327 31.46 8.57 -1.83
N ALA A 328 31.53 8.95 -3.11
CA ALA A 328 32.39 10.03 -3.59
C ALA A 328 31.92 11.42 -3.19
N LYS A 329 30.61 11.67 -3.29
CA LYS A 329 30.01 12.97 -2.94
C LYS A 329 30.11 13.32 -1.45
N LEU A 330 29.95 12.31 -0.60
CA LEU A 330 30.01 12.52 0.85
C LEU A 330 31.39 12.33 1.49
N GLY A 331 32.37 11.89 0.69
CA GLY A 331 33.73 11.70 1.16
C GLY A 331 33.87 10.53 2.12
N LEU A 332 33.05 9.50 1.88
CA LEU A 332 33.04 8.31 2.71
C LEU A 332 34.23 7.41 2.42
N SER A 333 34.74 6.76 3.47
CA SER A 333 35.84 5.82 3.35
C SER A 333 35.21 4.59 2.70
N THR A 334 35.97 3.90 1.86
CA THR A 334 35.49 2.73 1.10
C THR A 334 34.84 1.55 1.83
N ASP A 335 35.09 1.43 3.12
CA ASP A 335 34.52 0.34 3.93
C ASP A 335 33.04 0.57 4.31
N LYS A 336 32.57 1.81 4.17
CA LYS A 336 31.21 2.18 4.51
C LYS A 336 30.13 1.54 3.64
N MET A 337 30.38 1.55 2.33
CA MET A 337 29.46 0.97 1.35
C MET A 337 29.66 -0.52 1.14
N GLN A 338 30.57 -1.13 1.90
CA GLN A 338 30.89 -2.56 1.75
C GLN A 338 29.72 -3.51 1.97
N ALA A 339 28.95 -3.29 3.03
CA ALA A 339 27.78 -4.14 3.33
C ALA A 339 26.74 -4.06 2.21
N SER A 340 26.60 -2.86 1.63
CA SER A 340 25.68 -2.62 0.52
C SER A 340 26.21 -3.29 -0.75
N ARG A 341 27.53 -3.18 -0.97
CA ARG A 341 28.19 -3.79 -2.13
C ARG A 341 28.24 -5.32 -2.06
N ASP A 342 28.31 -5.87 -0.84
CA ASP A 342 28.34 -7.32 -0.63
C ASP A 342 26.98 -7.92 -0.97
N VAL A 343 25.91 -7.20 -0.59
CA VAL A 343 24.53 -7.61 -0.86
C VAL A 343 24.28 -7.53 -2.37
N LEU A 344 24.77 -6.46 -2.99
CA LEU A 344 24.65 -6.27 -4.44
C LEU A 344 25.39 -7.39 -5.16
N ALA A 345 26.56 -7.75 -4.64
CA ALA A 345 27.40 -8.80 -5.23
C ALA A 345 26.78 -10.20 -5.09
N SER A 346 26.20 -10.48 -3.94
CA SER A 346 25.62 -11.78 -3.67
C SER A 346 24.18 -12.02 -4.09
N TYR A 347 23.37 -10.95 -4.19
CA TYR A 347 21.95 -11.11 -4.52
C TYR A 347 21.39 -10.13 -5.55
N GLY A 348 22.16 -9.10 -5.87
CA GLY A 348 21.71 -8.09 -6.82
C GLY A 348 20.76 -7.09 -6.16
N ASN A 349 19.95 -6.43 -6.97
CA ASN A 349 18.97 -5.45 -6.51
C ASN A 349 17.66 -6.21 -6.29
N MET A 350 17.35 -6.47 -5.03
CA MET A 350 16.12 -7.19 -4.67
C MET A 350 15.03 -6.20 -4.26
N SER A 351 15.09 -5.00 -4.85
CA SER A 351 14.15 -3.91 -4.58
C SER A 351 13.98 -3.64 -3.08
N SER A 352 12.74 -3.72 -2.57
CA SER A 352 12.44 -3.46 -1.17
C SER A 352 13.25 -4.26 -0.16
N ALA A 353 13.49 -5.53 -0.46
CA ALA A 353 14.24 -6.44 0.42
C ALA A 353 15.69 -6.08 0.67
N SER A 354 16.36 -5.55 -0.35
CA SER A 354 17.77 -5.19 -0.35
C SER A 354 18.37 -4.48 0.85
N VAL A 355 17.76 -3.37 1.25
CA VAL A 355 18.24 -2.57 2.37
C VAL A 355 18.19 -3.30 3.72
N LEU A 356 17.26 -4.24 3.83
CA LEU A 356 17.08 -5.02 5.05
C LEU A 356 18.11 -6.15 5.12
N PHE A 357 18.58 -6.58 3.93
CA PHE A 357 19.63 -7.60 3.79
C PHE A 357 20.95 -6.91 4.18
N VAL A 358 21.05 -5.62 3.88
CA VAL A 358 22.24 -4.84 4.19
C VAL A 358 22.37 -4.67 5.69
N LEU A 359 21.23 -4.41 6.35
CA LEU A 359 21.17 -4.27 7.81
C LEU A 359 21.54 -5.57 8.50
N ASP A 360 21.10 -6.69 7.91
CA ASP A 360 21.38 -8.02 8.43
C ASP A 360 22.88 -8.29 8.33
N GLN A 361 23.45 -7.91 7.19
CA GLN A 361 24.88 -8.08 6.93
C GLN A 361 25.72 -7.20 7.85
N ILE A 362 25.19 -6.02 8.21
CA ILE A 362 25.88 -5.09 9.11
C ILE A 362 25.94 -5.69 10.51
N ARG A 363 24.82 -6.23 11.01
CA ARG A 363 24.83 -6.83 12.35
C ARG A 363 25.61 -8.14 12.40
N LYS A 364 25.56 -8.91 11.32
CA LYS A 364 26.27 -10.19 11.22
C LYS A 364 27.79 -9.96 11.23
N ASN A 365 28.25 -8.98 10.44
CA ASN A 365 29.68 -8.62 10.39
C ASN A 365 30.15 -8.17 11.77
N SER A 366 29.29 -7.41 12.44
CA SER A 366 29.56 -6.89 13.77
C SER A 366 29.67 -7.93 14.87
N GLU A 367 28.82 -8.96 14.79
CA GLU A 367 28.83 -10.05 15.76
C GLU A 367 30.00 -10.99 15.48
N GLU A 368 30.28 -11.21 14.20
CA GLU A 368 31.36 -12.09 13.73
C GLU A 368 32.72 -11.51 14.13
N LEU A 369 32.88 -10.19 13.96
CA LEU A 369 34.12 -9.48 14.28
C LEU A 369 34.22 -8.97 15.73
N HIS A 370 33.19 -9.25 16.55
CA HIS A 370 33.11 -8.84 17.97
C HIS A 370 33.29 -7.32 18.16
N LEU A 371 32.57 -6.57 17.33
CA LEU A 371 32.58 -5.11 17.32
C LEU A 371 31.84 -4.48 18.51
N PRO A 372 32.18 -3.23 18.90
CA PRO A 372 31.50 -2.60 20.04
C PRO A 372 29.99 -2.48 19.86
N THR A 373 29.55 -2.28 18.62
CA THR A 373 28.12 -2.13 18.33
C THR A 373 27.67 -3.01 17.16
N THR A 374 26.34 -3.14 17.02
CA THR A 374 25.73 -3.92 15.94
C THR A 374 25.79 -3.16 14.61
N GLY A 375 26.24 -1.92 14.67
CA GLY A 375 26.36 -1.09 13.49
C GLY A 375 27.79 -0.82 13.09
N GLU A 376 28.56 -1.91 12.98
CA GLU A 376 29.98 -1.89 12.61
C GLU A 376 30.89 -1.07 13.55
N GLY A 377 30.48 -0.98 14.81
CA GLY A 377 31.24 -0.25 15.82
C GLY A 377 30.78 1.19 15.98
N PHE A 378 29.99 1.68 15.04
CA PHE A 378 29.49 3.05 15.05
C PHE A 378 28.16 3.18 15.81
N GLU A 379 27.88 4.39 16.30
CA GLU A 379 26.66 4.67 17.06
C GLU A 379 25.42 4.91 16.19
N TRP A 380 25.49 5.92 15.32
CA TRP A 380 24.36 6.27 14.45
C TRP A 380 24.51 5.78 13.02
N GLY A 381 23.39 5.57 12.34
CA GLY A 381 23.42 5.09 10.98
C GLY A 381 22.22 5.41 10.13
N PHE A 382 22.40 5.24 8.83
CA PHE A 382 21.35 5.52 7.86
C PHE A 382 20.85 4.32 7.07
N VAL A 383 19.53 4.26 6.91
CA VAL A 383 18.88 3.26 6.09
C VAL A 383 18.34 4.15 4.99
N ILE A 384 18.91 4.01 3.79
CA ILE A 384 18.50 4.82 2.66
C ILE A 384 17.95 3.98 1.51
N GLY A 385 16.75 4.34 1.07
CA GLY A 385 16.12 3.65 -0.03
C GLY A 385 15.72 4.70 -1.04
N PHE A 386 15.73 4.34 -2.32
CA PHE A 386 15.34 5.27 -3.38
C PHE A 386 14.51 4.57 -4.42
N GLY A 387 13.59 5.31 -5.03
CA GLY A 387 12.75 4.74 -6.06
C GLY A 387 11.93 5.80 -6.76
N PRO A 388 10.73 5.43 -7.30
CA PRO A 388 9.81 6.31 -8.02
C PRO A 388 9.48 7.64 -7.36
N GLY A 389 9.70 8.72 -8.12
CA GLY A 389 9.45 10.05 -7.61
C GLY A 389 10.26 11.20 -8.23
N LEU A 390 11.59 11.26 -8.07
CA LEU A 390 12.45 10.33 -7.33
C LEU A 390 12.36 10.57 -5.84
N THR A 391 11.91 9.52 -5.15
CA THR A 391 11.73 9.53 -3.70
C THR A 391 12.91 8.85 -3.04
N VAL A 392 13.48 9.53 -2.05
CA VAL A 392 14.57 8.99 -1.27
C VAL A 392 13.99 8.90 0.14
N GLU A 393 13.93 7.67 0.66
CA GLU A 393 13.42 7.41 2.01
C GLU A 393 14.59 7.15 2.91
N THR A 394 14.63 7.86 4.04
CA THR A 394 15.71 7.77 5.00
C THR A 394 15.26 7.53 6.43
N LEU A 395 16.03 6.67 7.10
CA LEU A 395 15.81 6.38 8.51
C LEU A 395 17.12 6.52 9.25
N LEU A 396 17.03 7.11 10.43
CA LEU A 396 18.18 7.29 11.29
C LEU A 396 18.07 6.20 12.35
N LEU A 397 19.08 5.34 12.40
CA LEU A 397 19.12 4.27 13.36
C LEU A 397 20.25 4.43 14.34
N ARG A 398 20.05 3.85 15.52
CA ARG A 398 21.05 3.81 16.57
C ARG A 398 21.32 2.32 16.69
N SER A 399 22.59 1.97 16.85
CA SER A 399 22.98 0.58 17.01
C SER A 399 22.95 0.24 18.49
N ILE A 400 23.07 -1.05 18.80
CA ILE A 400 23.08 -1.51 20.17
C ILE A 400 24.47 -2.00 20.54
N ASN A 401 24.92 -1.60 21.73
CA ASN A 401 26.22 -1.97 22.26
C ASN A 401 26.27 -3.46 22.61
N ILE A 402 27.30 -4.13 22.09
CA ILE A 402 27.52 -5.57 22.32
C ILE A 402 28.97 -5.85 22.75
N VAL B 23 11.81 12.80 23.77
CA VAL B 23 10.94 13.04 22.58
C VAL B 23 9.50 13.30 23.06
N ILE B 24 8.99 14.50 22.77
CA ILE B 24 7.63 14.88 23.16
C ILE B 24 6.62 14.33 22.13
N LYS B 25 5.77 13.43 22.61
CA LYS B 25 4.72 12.79 21.82
C LYS B 25 3.41 13.50 22.14
N PRO B 26 2.46 13.59 21.19
CA PRO B 26 1.19 14.26 21.51
C PRO B 26 0.33 13.50 22.53
N ASP B 27 -0.48 14.25 23.26
CA ASP B 27 -1.31 13.70 24.33
C ASP B 27 -2.67 13.14 23.93
N GLY B 28 -3.35 13.86 23.04
CA GLY B 28 -4.69 13.44 22.62
C GLY B 28 -4.83 12.43 21.52
N PRO B 29 -6.06 11.91 21.31
CA PRO B 29 -6.34 10.92 20.27
C PRO B 29 -6.35 11.56 18.87
N ALA B 30 -6.12 10.75 17.84
CA ALA B 30 -6.14 11.21 16.45
C ALA B 30 -7.54 11.74 16.16
N THR B 31 -7.59 12.98 15.72
CA THR B 31 -8.86 13.65 15.46
C THR B 31 -9.03 14.05 14.01
N ILE B 32 -10.23 13.78 13.49
CA ILE B 32 -10.61 14.17 12.13
C ILE B 32 -10.95 15.65 12.26
N LEU B 33 -10.17 16.48 11.55
CA LEU B 33 -10.30 17.93 11.59
C LEU B 33 -11.02 18.58 10.43
N ALA B 34 -11.27 17.79 9.37
CA ALA B 34 -11.95 18.25 8.16
C ALA B 34 -12.23 17.08 7.26
N ILE B 35 -13.34 17.18 6.52
CA ILE B 35 -13.74 16.15 5.55
C ILE B 35 -14.20 16.89 4.29
N GLY B 36 -13.66 16.47 3.15
CA GLY B 36 -14.01 17.05 1.88
C GLY B 36 -14.26 15.90 0.93
N THR B 37 -15.27 16.06 0.08
CA THR B 37 -15.61 15.02 -0.87
C THR B 37 -15.74 15.54 -2.29
N SER B 38 -15.60 14.63 -3.25
CA SER B 38 -15.72 14.95 -4.67
C SER B 38 -16.20 13.73 -5.45
N ASN B 39 -16.84 14.00 -6.58
CA ASN B 39 -17.35 12.97 -7.48
C ASN B 39 -17.28 13.57 -8.89
N PRO B 40 -17.13 12.72 -9.95
CA PRO B 40 -17.08 13.21 -11.33
C PRO B 40 -18.46 13.78 -11.65
N THR B 41 -18.54 14.68 -12.63
CA THR B 41 -19.78 15.38 -12.98
C THR B 41 -20.85 14.64 -13.78
N ASN B 42 -20.50 13.50 -14.37
CA ASN B 42 -21.45 12.73 -15.17
C ASN B 42 -22.32 11.83 -14.31
N ILE B 43 -23.59 12.20 -14.19
CA ILE B 43 -24.58 11.47 -13.41
C ILE B 43 -25.33 10.44 -14.25
N PHE B 44 -25.32 9.20 -13.78
CA PHE B 44 -26.01 8.10 -14.44
C PHE B 44 -27.06 7.58 -13.47
N GLU B 45 -28.32 7.74 -13.85
CA GLU B 45 -29.47 7.28 -13.06
C GLU B 45 -29.49 5.77 -13.06
N GLN B 46 -29.70 5.16 -11.89
CA GLN B 46 -29.72 3.72 -11.76
C GLN B 46 -30.91 3.04 -12.44
N SER B 47 -32.03 3.75 -12.50
CA SER B 47 -33.26 3.26 -13.13
C SER B 47 -33.08 2.83 -14.59
N THR B 48 -32.33 3.66 -15.34
CA THR B 48 -32.05 3.40 -16.74
C THR B 48 -30.58 3.03 -17.01
N TYR B 49 -29.83 2.71 -15.96
CA TYR B 49 -28.42 2.33 -16.14
C TYR B 49 -28.27 1.04 -16.98
N PRO B 50 -29.16 0.02 -16.81
CA PRO B 50 -29.02 -1.19 -17.63
C PRO B 50 -29.13 -0.94 -19.13
N ASP B 51 -29.89 0.09 -19.52
CA ASP B 51 -30.06 0.47 -20.92
C ASP B 51 -28.75 1.01 -21.47
N PHE B 52 -28.08 1.86 -20.69
CA PHE B 52 -26.78 2.44 -21.08
C PHE B 52 -25.72 1.36 -21.10
N PHE B 53 -25.65 0.60 -20.01
CA PHE B 53 -24.66 -0.46 -19.80
C PHE B 53 -24.65 -1.53 -20.89
N PHE B 54 -25.83 -2.01 -21.26
CA PHE B 54 -25.93 -3.03 -22.29
C PHE B 54 -25.75 -2.50 -23.72
N ASP B 55 -25.83 -1.17 -23.88
CA ASP B 55 -25.66 -0.53 -25.19
C ASP B 55 -24.18 -0.24 -25.49
N VAL B 56 -23.42 0.24 -24.49
CA VAL B 56 -21.99 0.54 -24.67
C VAL B 56 -21.12 -0.70 -24.77
N THR B 57 -21.60 -1.79 -24.18
CA THR B 57 -20.89 -3.06 -24.17
C THR B 57 -21.35 -3.98 -25.29
N ASN B 58 -22.28 -3.48 -26.12
CA ASN B 58 -22.88 -4.18 -27.27
C ASN B 58 -23.49 -5.54 -26.89
N CYS B 59 -24.33 -5.50 -25.86
CA CYS B 59 -25.00 -6.69 -25.35
C CYS B 59 -26.52 -6.57 -25.31
N ASN B 60 -27.10 -5.79 -26.23
CA ASN B 60 -28.55 -5.59 -26.32
C ASN B 60 -29.33 -6.87 -26.63
N ASP B 61 -28.64 -7.85 -27.22
CA ASP B 61 -29.20 -9.16 -27.57
C ASP B 61 -29.32 -10.11 -26.38
N LYS B 62 -28.61 -9.80 -25.29
CA LYS B 62 -28.63 -10.61 -24.06
C LYS B 62 -29.77 -10.09 -23.19
N THR B 63 -31.00 -10.33 -23.67
CA THR B 63 -32.26 -9.90 -23.05
C THR B 63 -32.57 -10.45 -21.66
N GLU B 64 -32.30 -11.74 -21.45
CA GLU B 64 -32.57 -12.41 -20.17
C GLU B 64 -31.55 -11.99 -19.10
N LEU B 65 -30.35 -11.64 -19.54
CA LEU B 65 -29.27 -11.19 -18.66
C LEU B 65 -29.53 -9.73 -18.26
N LYS B 66 -30.20 -9.00 -19.16
CA LYS B 66 -30.56 -7.58 -18.96
C LYS B 66 -31.66 -7.46 -17.92
N LYS B 67 -32.57 -8.43 -17.92
CA LYS B 67 -33.69 -8.48 -16.97
C LYS B 67 -33.16 -8.82 -15.57
N LYS B 68 -32.09 -9.63 -15.54
CA LYS B 68 -31.44 -10.05 -14.29
C LYS B 68 -30.65 -8.87 -13.74
N PHE B 69 -30.00 -8.11 -14.63
CA PHE B 69 -29.21 -6.94 -14.25
C PHE B 69 -30.11 -5.77 -13.82
N GLN B 70 -31.28 -5.66 -14.45
CA GLN B 70 -32.26 -4.62 -14.14
C GLN B 70 -32.80 -4.85 -12.74
N ARG B 71 -33.02 -6.12 -12.41
CA ARG B 71 -33.52 -6.55 -11.11
C ARG B 71 -32.49 -6.30 -10.00
N ILE B 72 -31.20 -6.43 -10.33
CA ILE B 72 -30.11 -6.18 -9.38
C ILE B 72 -30.00 -4.67 -9.13
N CYS B 73 -30.11 -3.88 -10.21
CA CYS B 73 -30.05 -2.41 -10.14
C CYS B 73 -31.27 -1.83 -9.40
N ASP B 74 -32.43 -2.47 -9.57
CA ASP B 74 -33.68 -2.04 -8.91
C ASP B 74 -33.64 -2.33 -7.41
N LYS B 75 -32.97 -3.41 -7.02
CA LYS B 75 -32.85 -3.80 -5.61
C LYS B 75 -31.55 -3.32 -4.97
N SER B 76 -30.70 -2.63 -5.74
CA SER B 76 -29.40 -2.13 -5.28
C SER B 76 -29.39 -1.03 -4.25
N GLY B 77 -30.53 -0.34 -4.08
CA GLY B 77 -30.63 0.75 -3.13
C GLY B 77 -29.91 2.00 -3.62
N ILE B 78 -29.46 1.94 -4.88
CA ILE B 78 -28.75 3.04 -5.53
C ILE B 78 -29.72 3.73 -6.46
N LYS B 79 -29.68 5.07 -6.44
CA LYS B 79 -30.56 5.88 -7.26
C LYS B 79 -29.77 6.54 -8.39
N LYS B 80 -28.54 6.94 -8.09
CA LYS B 80 -27.63 7.56 -9.05
C LYS B 80 -26.18 7.27 -8.69
N ARG B 81 -25.33 7.27 -9.71
CA ARG B 81 -23.90 7.07 -9.54
C ARG B 81 -23.20 8.07 -10.42
N HIS B 82 -22.07 8.56 -9.94
CA HIS B 82 -21.26 9.52 -10.66
C HIS B 82 -20.12 8.75 -11.31
N PHE B 83 -19.93 8.96 -12.61
CA PHE B 83 -18.87 8.27 -13.34
C PHE B 83 -17.99 9.15 -14.17
N HIS B 84 -16.72 8.79 -14.26
CA HIS B 84 -15.78 9.50 -15.10
C HIS B 84 -16.01 8.97 -16.52
N LEU B 85 -16.22 7.66 -16.62
CA LEU B 85 -16.49 6.99 -17.90
C LEU B 85 -17.83 7.44 -18.48
N THR B 86 -17.80 7.81 -19.76
CA THR B 86 -18.99 8.25 -20.48
C THR B 86 -19.11 7.37 -21.72
N ASP B 87 -20.10 7.68 -22.56
CA ASP B 87 -20.33 6.96 -23.82
C ASP B 87 -19.15 7.28 -24.76
N GLU B 88 -18.69 8.52 -24.71
CA GLU B 88 -17.59 9.03 -25.52
C GLU B 88 -16.26 8.34 -25.19
N ILE B 89 -15.88 8.33 -23.91
CA ILE B 89 -14.64 7.72 -23.44
C ILE B 89 -14.60 6.21 -23.71
N LEU B 90 -15.77 5.55 -23.62
CA LEU B 90 -15.86 4.10 -23.87
C LEU B 90 -15.78 3.73 -25.35
N ARG B 91 -16.22 4.65 -26.21
CA ARG B 91 -16.21 4.47 -27.67
C ARG B 91 -14.77 4.64 -28.20
N LYS B 92 -14.02 5.52 -27.53
CA LYS B 92 -12.62 5.81 -27.89
C LYS B 92 -11.67 4.77 -27.29
N ASN B 93 -12.20 3.92 -26.42
CA ASN B 93 -11.46 2.83 -25.75
C ASN B 93 -12.36 1.58 -25.83
N PRO B 94 -12.54 0.97 -27.04
CA PRO B 94 -13.38 -0.22 -27.25
C PRO B 94 -13.09 -1.47 -26.44
N SER B 95 -11.81 -1.68 -26.12
CA SER B 95 -11.39 -2.86 -25.36
C SER B 95 -12.01 -2.97 -23.96
N ILE B 96 -12.28 -1.84 -23.33
CA ILE B 96 -12.90 -1.76 -21.99
C ILE B 96 -14.35 -2.30 -22.00
N CYS B 97 -14.97 -2.24 -23.18
CA CYS B 97 -16.34 -2.70 -23.39
C CYS B 97 -16.44 -4.18 -23.73
N LYS B 98 -15.28 -4.83 -23.87
CA LYS B 98 -15.20 -6.26 -24.20
C LYS B 98 -14.99 -7.12 -22.94
N PHE B 99 -15.45 -8.37 -23.01
CA PHE B 99 -15.37 -9.32 -21.91
C PHE B 99 -13.96 -9.80 -21.51
N LYS B 100 -13.26 -10.49 -22.42
CA LYS B 100 -11.92 -11.00 -22.11
C LYS B 100 -10.76 -10.43 -22.89
N GLU B 101 -11.04 -9.45 -23.76
CA GLU B 101 -9.99 -8.81 -24.57
C GLU B 101 -9.06 -7.98 -23.69
N ALA B 102 -7.78 -7.98 -24.04
CA ALA B 102 -6.72 -7.24 -23.33
C ALA B 102 -7.11 -5.77 -23.25
N SER B 103 -7.36 -5.30 -22.04
CA SER B 103 -7.80 -3.93 -21.81
C SER B 103 -7.19 -3.18 -20.64
N LEU B 104 -6.23 -3.78 -19.93
CA LEU B 104 -5.63 -3.11 -18.78
C LEU B 104 -4.92 -1.80 -19.09
N ASP B 105 -4.22 -1.73 -20.24
CA ASP B 105 -3.51 -0.52 -20.65
C ASP B 105 -4.39 0.74 -20.74
N PRO B 106 -5.51 0.73 -21.52
CA PRO B 106 -6.31 1.99 -21.54
C PRO B 106 -7.07 2.25 -20.22
N ARG B 107 -7.31 1.20 -19.44
CA ARG B 107 -7.99 1.31 -18.15
C ARG B 107 -7.07 2.03 -17.17
N GLN B 108 -5.76 1.69 -17.25
CA GLN B 108 -4.71 2.28 -16.42
C GLN B 108 -4.48 3.74 -16.77
N ASP B 109 -4.36 4.03 -18.07
CA ASP B 109 -4.13 5.40 -18.57
C ASP B 109 -5.16 6.39 -18.05
N ILE B 110 -6.39 5.92 -17.93
CA ILE B 110 -7.52 6.70 -17.42
C ILE B 110 -7.44 6.80 -15.91
N ALA B 111 -7.34 5.64 -15.25
CA ALA B 111 -7.27 5.56 -13.78
C ALA B 111 -6.12 6.32 -13.13
N VAL B 112 -4.91 6.13 -13.65
CA VAL B 112 -3.68 6.77 -13.15
C VAL B 112 -3.73 8.30 -13.18
N LEU B 113 -4.47 8.85 -14.14
CA LEU B 113 -4.62 10.30 -14.28
C LEU B 113 -5.80 10.82 -13.46
N GLU B 114 -6.94 10.14 -13.58
CA GLU B 114 -8.17 10.55 -12.90
C GLU B 114 -8.29 10.35 -11.40
N VAL B 115 -7.64 9.30 -10.88
CA VAL B 115 -7.67 9.02 -9.43
C VAL B 115 -7.05 10.16 -8.59
N PRO B 116 -5.82 10.65 -8.92
CA PRO B 116 -5.32 11.75 -8.07
C PRO B 116 -5.99 13.09 -8.36
N LYS B 117 -6.53 13.25 -9.57
CA LYS B 117 -7.23 14.47 -10.01
C LYS B 117 -8.53 14.64 -9.21
N LEU B 118 -9.22 13.53 -8.99
CA LEU B 118 -10.47 13.51 -8.24
C LEU B 118 -10.18 13.74 -6.75
N ALA B 119 -9.08 13.16 -6.29
CA ALA B 119 -8.63 13.30 -4.90
C ALA B 119 -8.18 14.72 -4.60
N LYS B 120 -7.64 15.40 -5.62
CA LYS B 120 -7.17 16.78 -5.51
C LYS B 120 -8.35 17.67 -5.12
N GLU B 121 -9.46 17.49 -5.83
CA GLU B 121 -10.69 18.24 -5.61
C GLU B 121 -11.25 18.00 -4.19
N ALA B 122 -11.19 16.75 -3.72
CA ALA B 122 -11.64 16.37 -2.39
C ALA B 122 -10.71 16.94 -1.32
N ALA B 123 -9.41 16.88 -1.59
CA ALA B 123 -8.38 17.40 -0.68
C ALA B 123 -8.45 18.92 -0.53
N ILE B 124 -8.69 19.63 -1.63
CA ILE B 124 -8.82 21.09 -1.63
C ILE B 124 -9.99 21.49 -0.73
N SER B 125 -11.10 20.75 -0.84
CA SER B 125 -12.30 20.99 -0.04
C SER B 125 -12.05 20.70 1.44
N ALA B 126 -11.24 19.67 1.72
CA ALA B 126 -10.89 19.31 3.10
C ALA B 126 -9.94 20.34 3.72
N ILE B 127 -8.94 20.76 2.95
CA ILE B 127 -7.94 21.76 3.38
C ILE B 127 -8.60 23.13 3.65
N LYS B 128 -9.57 23.49 2.82
CA LYS B 128 -10.32 24.74 2.92
C LYS B 128 -11.20 24.75 4.18
N GLN B 129 -11.79 23.58 4.50
CA GLN B 129 -12.64 23.40 5.67
C GLN B 129 -11.80 23.38 6.96
N TRP B 130 -10.55 22.94 6.82
CA TRP B 130 -9.58 22.85 7.92
C TRP B 130 -9.15 24.25 8.37
N GLY B 131 -8.85 25.12 7.39
CA GLY B 131 -8.48 26.50 7.67
C GLY B 131 -7.01 26.79 7.93
N GLN B 132 -6.15 25.80 7.73
CA GLN B 132 -4.71 25.95 7.92
C GLN B 132 -4.02 25.82 6.57
N PRO B 133 -2.79 26.35 6.41
CA PRO B 133 -2.11 26.22 5.11
C PRO B 133 -1.69 24.77 4.81
N LYS B 134 -1.63 24.44 3.52
CA LYS B 134 -1.26 23.10 3.05
C LYS B 134 0.17 22.68 3.39
N SER B 135 0.96 23.67 3.82
CA SER B 135 2.36 23.48 4.19
C SER B 135 2.50 22.72 5.52
N LYS B 136 1.43 22.75 6.32
CA LYS B 136 1.39 22.09 7.63
C LYS B 136 1.09 20.58 7.54
N ILE B 137 0.78 20.10 6.32
CA ILE B 137 0.51 18.69 6.09
C ILE B 137 1.87 17.97 6.05
N THR B 138 2.09 17.12 7.05
CA THR B 138 3.32 16.37 7.21
C THR B 138 3.22 14.92 6.69
N HIS B 139 1.99 14.41 6.60
CA HIS B 139 1.74 13.04 6.14
C HIS B 139 0.63 12.92 5.11
N LEU B 140 0.73 11.92 4.26
CA LEU B 140 -0.27 11.66 3.24
C LEU B 140 -0.55 10.18 3.14
N VAL B 141 -1.79 9.82 3.43
CA VAL B 141 -2.23 8.43 3.34
C VAL B 141 -3.24 8.39 2.21
N PHE B 142 -2.92 7.61 1.18
CA PHE B 142 -3.78 7.48 0.02
C PHE B 142 -4.20 6.04 -0.19
N ALA B 143 -5.47 5.87 -0.53
CA ALA B 143 -6.03 4.55 -0.83
C ALA B 143 -6.81 4.55 -2.13
N THR B 144 -6.56 3.52 -2.94
CA THR B 144 -7.29 3.31 -4.18
C THR B 144 -7.16 1.88 -4.65
N THR B 145 -8.21 1.40 -5.30
CA THR B 145 -8.27 0.06 -5.87
C THR B 145 -8.47 0.22 -7.39
N SER B 146 -8.42 1.46 -7.83
CA SER B 146 -8.59 1.80 -9.25
C SER B 146 -7.26 1.91 -9.97
N GLY B 147 -6.63 0.75 -10.19
CA GLY B 147 -5.35 0.71 -10.88
C GLY B 147 -4.14 1.07 -10.04
N VAL B 148 -2.96 0.72 -10.57
CA VAL B 148 -1.68 0.98 -9.90
C VAL B 148 -0.69 1.66 -10.83
N ASP B 149 0.26 2.40 -10.22
CA ASP B 149 1.32 3.10 -10.97
C ASP B 149 2.47 3.45 -10.05
N MET B 150 3.66 3.62 -10.66
CA MET B 150 4.88 3.98 -9.94
C MET B 150 5.48 5.16 -10.71
N PRO B 151 5.51 6.37 -10.10
CA PRO B 151 5.07 6.85 -8.77
C PRO B 151 3.57 6.68 -8.54
N GLY B 152 3.20 6.40 -7.30
CA GLY B 152 1.81 6.18 -6.96
C GLY B 152 0.90 7.39 -7.00
N ALA B 153 -0.38 7.14 -6.75
CA ALA B 153 -1.40 8.20 -6.74
C ALA B 153 -1.13 9.18 -5.60
N ASP B 154 -0.39 8.71 -4.58
CA ASP B 154 -0.01 9.51 -3.41
C ASP B 154 0.96 10.62 -3.82
N PHE B 155 1.97 10.25 -4.63
CA PHE B 155 2.96 11.18 -5.14
C PHE B 155 2.24 12.20 -6.01
N GLN B 156 1.41 11.68 -6.91
CA GLN B 156 0.66 12.51 -7.84
C GLN B 156 -0.23 13.52 -7.14
N LEU B 157 -0.87 13.09 -6.05
CA LEU B 157 -1.73 13.97 -5.26
C LEU B 157 -0.89 15.06 -4.59
N ALA B 158 0.22 14.66 -3.96
CA ALA B 158 1.12 15.60 -3.27
C ALA B 158 1.68 16.68 -4.19
N LYS B 159 1.99 16.28 -5.42
CA LYS B 159 2.51 17.16 -6.46
C LYS B 159 1.42 18.13 -6.97
N LEU B 160 0.22 17.60 -7.22
CA LEU B 160 -0.92 18.40 -7.70
C LEU B 160 -1.35 19.47 -6.71
N LEU B 161 -1.20 19.16 -5.42
CA LEU B 161 -1.57 20.08 -4.35
C LEU B 161 -0.44 21.04 -3.97
N GLY B 162 0.80 20.65 -4.29
CA GLY B 162 1.95 21.47 -3.97
C GLY B 162 2.36 21.35 -2.52
N LEU B 163 2.25 20.14 -1.97
CA LEU B 163 2.62 19.87 -0.58
C LEU B 163 4.15 19.83 -0.48
N ARG B 164 4.66 19.97 0.74
CA ARG B 164 6.12 19.92 1.00
C ARG B 164 6.72 18.64 0.36
N PRO B 165 7.90 18.74 -0.29
CA PRO B 165 8.50 17.54 -0.90
C PRO B 165 8.88 16.43 0.09
N THR B 166 8.88 16.77 1.38
CA THR B 166 9.22 15.85 2.46
C THR B 166 8.01 15.19 3.13
N VAL B 167 6.84 15.30 2.51
CA VAL B 167 5.60 14.70 3.03
C VAL B 167 5.77 13.17 3.13
N LYS B 168 5.53 12.62 4.31
CA LYS B 168 5.67 11.17 4.56
C LYS B 168 4.42 10.46 4.04
N ARG B 169 4.63 9.62 3.05
CA ARG B 169 3.55 8.93 2.38
C ARG B 169 3.32 7.45 2.64
N VAL B 170 2.03 7.10 2.68
CA VAL B 170 1.60 5.71 2.86
C VAL B 170 0.60 5.51 1.72
N MET B 171 1.02 4.72 0.74
CA MET B 171 0.19 4.44 -0.42
C MET B 171 -0.40 3.06 -0.30
N LEU B 172 -1.73 3.02 -0.17
CA LEU B 172 -2.48 1.77 -0.01
C LEU B 172 -3.20 1.36 -1.30
N TYR B 173 -2.53 0.53 -2.10
CA TYR B 173 -3.08 0.02 -3.35
C TYR B 173 -3.79 -1.31 -3.21
N GLN B 174 -4.87 -1.46 -3.98
CA GLN B 174 -5.71 -2.66 -4.07
C GLN B 174 -6.18 -3.29 -2.76
N GLN B 175 -6.67 -2.46 -1.85
CA GLN B 175 -7.14 -2.96 -0.57
C GLN B 175 -8.66 -3.10 -0.51
N GLY B 176 -9.31 -2.78 -1.62
CA GLY B 176 -10.75 -2.90 -1.71
C GLY B 176 -11.58 -2.00 -0.82
N TYR B 178 -12.36 -2.06 2.36
CA TYR B 178 -12.04 -1.84 3.77
C TYR B 178 -11.04 -0.70 3.92
N ALA B 179 -10.43 -0.31 2.80
CA ALA B 179 -9.40 0.72 2.75
C ALA B 179 -9.75 2.07 3.36
N GLY B 180 -11.05 2.40 3.36
CA GLY B 180 -11.52 3.64 3.94
C GLY B 180 -11.32 3.63 5.44
N ALA B 181 -11.34 2.42 6.00
CA ALA B 181 -11.11 2.24 7.42
C ALA B 181 -9.61 2.08 7.70
N THR B 182 -8.88 1.46 6.75
CA THR B 182 -7.43 1.24 6.88
C THR B 182 -6.66 2.57 6.89
N VAL B 183 -7.09 3.52 6.05
CA VAL B 183 -6.45 4.83 5.98
C VAL B 183 -6.57 5.60 7.28
N LEU B 184 -7.67 5.39 7.99
CA LEU B 184 -7.92 6.02 9.27
C LEU B 184 -7.11 5.33 10.37
N ARG B 185 -6.91 4.02 10.24
CA ARG B 185 -6.14 3.23 11.20
C ARG B 185 -4.66 3.63 11.07
N VAL B 186 -4.21 3.81 9.82
CA VAL B 186 -2.84 4.22 9.52
C VAL B 186 -2.64 5.67 9.99
N ALA B 187 -3.59 6.55 9.68
CA ALA B 187 -3.53 7.96 10.07
C ALA B 187 -3.55 8.14 11.59
N LYS B 188 -4.20 7.20 12.29
CA LYS B 188 -4.27 7.21 13.75
C LYS B 188 -2.88 7.14 14.36
N ASP B 189 -2.10 6.13 13.94
CA ASP B 189 -0.74 5.96 14.45
C ASP B 189 0.24 7.04 14.01
N LEU B 190 0.08 7.56 12.79
CA LEU B 190 0.96 8.62 12.28
C LEU B 190 0.73 9.94 13.04
N ALA B 191 -0.54 10.29 13.26
CA ALA B 191 -0.91 11.52 13.96
C ALA B 191 -0.61 11.47 15.45
N GLU B 192 -0.84 10.31 16.07
CA GLU B 192 -0.62 10.12 17.50
C GLU B 192 0.83 9.93 17.94
N ASN B 193 1.70 9.53 17.02
CA ASN B 193 3.10 9.30 17.36
C ASN B 193 4.05 10.44 16.94
N ASN B 194 3.52 11.43 16.25
CA ASN B 194 4.35 12.55 15.78
C ASN B 194 3.75 13.90 16.13
N LYS B 195 4.46 14.67 16.96
CA LYS B 195 4.01 15.99 17.40
C LYS B 195 3.91 16.97 16.24
N GLY B 196 2.76 17.63 16.16
CA GLY B 196 2.49 18.59 15.10
C GLY B 196 2.02 17.97 13.80
N ALA B 197 2.04 16.64 13.73
CA ALA B 197 1.64 15.91 12.53
C ALA B 197 0.21 16.10 12.12
N ARG B 198 0.04 16.49 10.87
CA ARG B 198 -1.26 16.70 10.26
C ARG B 198 -1.26 15.82 9.04
N VAL B 199 -2.09 14.78 9.09
CA VAL B 199 -2.19 13.79 8.04
C VAL B 199 -3.31 14.07 7.04
N LEU B 200 -2.95 14.10 5.75
CA LEU B 200 -3.95 14.26 4.71
C LEU B 200 -4.31 12.83 4.33
N VAL B 201 -5.56 12.48 4.53
CA VAL B 201 -6.08 11.16 4.20
C VAL B 201 -6.84 11.37 2.91
N ALA B 202 -6.64 10.49 1.94
CA ALA B 202 -7.34 10.57 0.66
C ALA B 202 -7.67 9.19 0.14
N CYS B 203 -8.91 9.04 -0.29
CA CYS B 203 -9.41 7.79 -0.86
C CYS B 203 -10.10 8.22 -2.12
N SER B 204 -9.68 7.68 -3.25
CA SER B 204 -10.25 8.03 -4.53
C SER B 204 -10.48 6.82 -5.41
N GLU B 205 -11.70 6.68 -5.91
CA GLU B 205 -12.04 5.54 -6.75
C GLU B 205 -12.72 5.91 -8.06
N VAL B 206 -12.12 5.45 -9.16
CA VAL B 206 -12.62 5.64 -10.52
C VAL B 206 -12.74 4.25 -11.13
N THR B 207 -13.95 3.88 -11.54
CA THR B 207 -14.27 2.56 -12.09
C THR B 207 -13.75 2.11 -13.46
N ALA B 208 -12.73 2.79 -13.97
CA ALA B 208 -12.15 2.46 -15.28
C ALA B 208 -11.56 1.05 -15.34
N VAL B 209 -11.00 0.61 -14.21
CA VAL B 209 -10.38 -0.70 -14.10
C VAL B 209 -11.37 -1.83 -13.77
N THR B 210 -12.40 -1.52 -13.00
CA THR B 210 -13.42 -2.51 -12.61
C THR B 210 -14.56 -2.69 -13.61
N PHE B 211 -14.64 -1.80 -14.62
CA PHE B 211 -15.69 -1.84 -15.64
C PHE B 211 -15.66 -3.18 -16.36
N ARG B 212 -16.72 -3.96 -16.15
CA ARG B 212 -16.82 -5.29 -16.73
C ARG B 212 -18.05 -5.45 -17.61
N ALA B 213 -17.82 -5.88 -18.86
CA ALA B 213 -18.88 -6.14 -19.83
C ALA B 213 -19.70 -7.31 -19.26
N PRO B 214 -21.04 -7.27 -19.39
CA PRO B 214 -21.88 -8.35 -18.85
C PRO B 214 -21.73 -9.68 -19.54
N SER B 215 -21.75 -10.74 -18.73
CA SER B 215 -21.60 -12.10 -19.21
C SER B 215 -22.44 -13.02 -18.34
N GLU B 216 -22.99 -14.04 -18.99
CA GLU B 216 -23.80 -15.07 -18.33
C GLU B 216 -22.90 -15.98 -17.50
N THR B 217 -21.60 -15.92 -17.78
CA THR B 217 -20.59 -16.73 -17.10
C THR B 217 -19.87 -15.99 -15.96
N HIS B 218 -20.29 -14.75 -15.69
CA HIS B 218 -19.69 -13.94 -14.62
C HIS B 218 -20.78 -13.10 -13.98
N LEU B 219 -21.63 -13.78 -13.18
CA LEU B 219 -22.72 -13.13 -12.47
C LEU B 219 -22.21 -12.22 -11.35
N ASP B 220 -21.00 -12.49 -10.87
CA ASP B 220 -20.34 -11.70 -9.83
C ASP B 220 -20.00 -10.31 -10.37
N GLY B 221 -19.78 -10.27 -11.69
CA GLY B 221 -19.47 -9.05 -12.41
C GLY B 221 -20.67 -8.12 -12.49
N LEU B 222 -21.87 -8.71 -12.54
CA LEU B 222 -23.13 -7.94 -12.60
C LEU B 222 -23.38 -7.17 -11.30
N VAL B 223 -22.92 -7.75 -10.19
CA VAL B 223 -23.03 -7.15 -8.86
C VAL B 223 -22.15 -5.89 -8.83
N GLY B 224 -20.89 -6.05 -9.25
CA GLY B 224 -19.96 -4.95 -9.29
C GLY B 224 -20.37 -3.84 -10.26
N SER B 225 -20.98 -4.23 -11.37
CA SER B 225 -21.46 -3.31 -12.39
C SER B 225 -22.64 -2.47 -11.92
N ALA B 226 -23.45 -3.06 -11.03
CA ALA B 226 -24.63 -2.41 -10.49
C ALA B 226 -24.34 -1.56 -9.27
N LEU B 227 -23.27 -1.93 -8.56
CA LEU B 227 -22.90 -1.24 -7.33
C LEU B 227 -21.81 -0.19 -7.36
N PHE B 228 -20.72 -0.45 -8.07
CA PHE B 228 -19.57 0.47 -8.12
C PHE B 228 -19.75 1.82 -8.81
N GLY B 229 -19.48 2.88 -8.05
CA GLY B 229 -19.58 4.24 -8.56
C GLY B 229 -18.30 4.98 -8.24
N ASP B 230 -18.12 6.17 -8.82
CA ASP B 230 -16.91 6.95 -8.58
C ASP B 230 -17.03 7.99 -7.48
N GLY B 231 -15.90 8.27 -6.84
CA GLY B 231 -15.87 9.25 -5.77
C GLY B 231 -14.53 9.35 -5.05
N ALA B 232 -14.40 10.44 -4.32
CA ALA B 232 -13.19 10.69 -3.55
C ALA B 232 -13.52 11.40 -2.27
N ALA B 233 -12.79 11.05 -1.23
CA ALA B 233 -12.98 11.68 0.06
C ALA B 233 -11.62 11.96 0.62
N ALA B 234 -11.50 13.11 1.28
CA ALA B 234 -10.26 13.51 1.90
C ALA B 234 -10.49 14.08 3.26
N LEU B 235 -9.60 13.70 4.18
CA LEU B 235 -9.67 14.13 5.57
C LEU B 235 -8.35 14.66 6.06
N ILE B 236 -8.43 15.47 7.10
CA ILE B 236 -7.24 15.99 7.77
C ILE B 236 -7.32 15.36 9.15
N VAL B 237 -6.32 14.55 9.49
CA VAL B 237 -6.27 13.88 10.77
C VAL B 237 -5.06 14.38 11.54
N GLY B 238 -5.26 14.64 12.82
CA GLY B 238 -4.20 15.12 13.68
C GLY B 238 -4.55 15.07 15.15
N SER B 239 -3.54 14.93 15.98
CA SER B 239 -3.71 14.91 17.42
C SER B 239 -3.44 16.31 17.96
N ASP B 240 -3.95 16.58 19.16
CA ASP B 240 -3.81 17.86 19.85
C ASP B 240 -4.23 19.05 18.96
N PRO B 241 -5.56 19.20 18.73
CA PRO B 241 -6.03 20.31 17.91
C PRO B 241 -5.78 21.63 18.63
N VAL B 242 -5.29 22.63 17.90
CA VAL B 242 -5.04 23.95 18.49
C VAL B 242 -6.40 24.66 18.60
N PRO B 243 -6.82 24.99 19.85
CA PRO B 243 -8.12 25.67 20.10
C PRO B 243 -8.28 27.00 19.37
N GLN B 244 -9.53 27.25 18.93
CA GLN B 244 -9.93 28.46 18.18
C GLN B 244 -9.25 28.63 16.82
N GLU B 245 -8.71 27.53 16.29
CA GLU B 245 -8.04 27.50 14.98
C GLU B 245 -8.55 26.29 14.20
N GLU B 246 -8.50 25.12 14.84
CA GLU B 246 -8.96 23.86 14.25
C GLU B 246 -10.27 23.43 14.90
N LYS B 247 -11.12 22.78 14.10
CA LYS B 247 -12.44 22.33 14.55
C LYS B 247 -12.56 20.80 14.53
N PRO B 248 -12.45 20.15 15.70
CA PRO B 248 -12.54 18.69 15.84
C PRO B 248 -13.91 18.17 15.42
N LEU B 249 -13.93 17.13 14.58
CA LEU B 249 -15.17 16.54 14.10
C LEU B 249 -15.44 15.17 14.72
N PHE B 250 -14.41 14.31 14.73
CA PHE B 250 -14.50 12.96 15.31
C PHE B 250 -13.14 12.58 15.86
N GLU B 251 -13.13 11.83 16.98
CA GLU B 251 -11.89 11.38 17.60
C GLU B 251 -11.76 9.88 17.40
N ILE B 252 -10.60 9.41 16.95
CA ILE B 252 -10.38 7.97 16.76
C ILE B 252 -9.78 7.43 18.05
N HIS B 253 -10.48 6.49 18.70
CA HIS B 253 -10.01 5.90 19.96
C HIS B 253 -9.48 4.48 19.89
N TRP B 254 -9.95 3.71 18.91
CA TRP B 254 -9.50 2.33 18.71
C TRP B 254 -9.54 2.07 17.22
N ALA B 255 -8.62 1.22 16.76
CA ALA B 255 -8.52 0.83 15.36
C ALA B 255 -8.01 -0.59 15.28
N GLY B 256 -8.72 -1.42 14.52
CA GLY B 256 -8.33 -2.80 14.36
C GLY B 256 -9.05 -3.49 13.22
N GLU B 257 -8.77 -4.77 13.07
CA GLU B 257 -9.37 -5.57 12.02
C GLU B 257 -9.51 -7.03 12.39
N ALA B 258 -10.19 -7.77 11.53
CA ALA B 258 -10.41 -9.20 11.75
C ALA B 258 -10.70 -9.89 10.45
N VAL B 259 -10.09 -11.06 10.30
CA VAL B 259 -10.30 -11.94 9.16
C VAL B 259 -11.36 -12.88 9.73
N LEU B 260 -12.53 -12.90 9.11
CA LEU B 260 -13.65 -13.72 9.55
C LEU B 260 -13.40 -15.21 9.35
N PRO B 261 -13.80 -16.06 10.34
CA PRO B 261 -13.58 -17.52 10.20
C PRO B 261 -14.43 -18.12 9.07
N ASP B 262 -13.84 -19.12 8.39
CA ASP B 262 -14.46 -19.85 7.27
C ASP B 262 -14.95 -18.93 6.13
N SER B 263 -14.21 -17.85 5.91
CA SER B 263 -14.56 -16.89 4.88
C SER B 263 -13.54 -16.81 3.75
N ASP B 264 -12.76 -17.88 3.59
CA ASP B 264 -11.73 -17.92 2.55
C ASP B 264 -12.28 -17.80 1.13
N GLY B 265 -11.76 -16.83 0.40
CA GLY B 265 -12.16 -16.58 -0.96
C GLY B 265 -13.48 -15.85 -1.13
N ALA B 266 -13.96 -15.19 -0.07
CA ALA B 266 -15.23 -14.44 -0.09
C ALA B 266 -15.26 -13.32 -1.13
N ILE B 267 -14.17 -12.56 -1.20
CA ILE B 267 -14.02 -11.48 -2.18
C ILE B 267 -12.60 -11.61 -2.73
N ASN B 268 -12.51 -12.11 -3.95
CA ASN B 268 -11.24 -12.28 -4.65
C ASN B 268 -11.19 -11.30 -5.80
N GLY B 269 -10.13 -10.51 -5.85
CA GLY B 269 -9.96 -9.54 -6.92
C GLY B 269 -8.61 -9.73 -7.57
N HIS B 270 -8.63 -9.97 -8.87
CA HIS B 270 -7.40 -10.18 -9.62
C HIS B 270 -7.20 -9.13 -10.69
N LEU B 271 -6.04 -8.48 -10.69
CA LEU B 271 -5.74 -7.47 -11.70
C LEU B 271 -5.13 -8.21 -12.88
N ARG B 272 -5.99 -8.50 -13.84
CA ARG B 272 -5.63 -9.24 -15.04
C ARG B 272 -5.44 -8.31 -16.24
N GLU B 273 -5.16 -8.93 -17.39
CA GLU B 273 -4.97 -8.24 -18.66
C GLU B 273 -6.26 -7.58 -19.12
N ALA B 274 -7.38 -8.20 -18.75
CA ALA B 274 -8.71 -7.69 -19.08
C ALA B 274 -9.23 -6.73 -18.02
N GLY B 275 -8.38 -6.40 -17.04
CA GLY B 275 -8.75 -5.50 -15.97
C GLY B 275 -8.95 -6.15 -14.61
N LEU B 276 -9.67 -5.46 -13.73
CA LEU B 276 -9.93 -5.95 -12.39
C LEU B 276 -11.18 -6.83 -12.35
N ILE B 277 -10.96 -8.12 -12.09
CA ILE B 277 -12.02 -9.12 -12.05
C ILE B 277 -12.32 -9.56 -10.61
N PHE B 278 -13.61 -9.50 -10.24
CA PHE B 278 -14.07 -9.89 -8.90
C PHE B 278 -14.81 -11.22 -8.87
N HIS B 279 -14.50 -12.03 -7.86
CA HIS B 279 -15.12 -13.35 -7.65
C HIS B 279 -15.60 -13.45 -6.19
N LEU B 280 -16.89 -13.75 -6.03
CA LEU B 280 -17.52 -13.87 -4.70
C LEU B 280 -17.93 -15.32 -4.38
N LEU B 281 -16.98 -16.10 -3.86
CA LEU B 281 -17.19 -17.51 -3.51
C LEU B 281 -18.04 -17.80 -2.25
N LYS B 282 -18.29 -16.76 -1.46
CA LYS B 282 -19.10 -16.88 -0.24
C LYS B 282 -20.15 -15.77 -0.19
N ASP B 283 -21.01 -15.83 0.83
CA ASP B 283 -22.05 -14.84 1.05
C ASP B 283 -21.44 -13.76 1.94
N VAL B 284 -20.99 -12.68 1.31
CA VAL B 284 -20.37 -11.56 2.00
C VAL B 284 -21.27 -10.94 3.09
N PRO B 285 -22.53 -10.55 2.76
CA PRO B 285 -23.35 -9.95 3.83
C PRO B 285 -23.74 -10.89 4.97
N GLY B 286 -23.87 -12.18 4.65
CA GLY B 286 -24.24 -13.19 5.65
C GLY B 286 -23.11 -13.47 6.62
N LEU B 287 -21.89 -13.55 6.10
CA LEU B 287 -20.69 -13.82 6.90
C LEU B 287 -20.31 -12.70 7.85
N ILE B 288 -20.54 -11.45 7.43
CA ILE B 288 -20.25 -10.29 8.26
C ILE B 288 -21.28 -10.18 9.38
N SER B 289 -22.54 -10.45 9.07
CA SER B 289 -23.63 -10.41 10.06
C SER B 289 -23.47 -11.44 11.17
N LYS B 290 -23.12 -12.66 10.78
CA LYS B 290 -22.89 -13.78 11.69
C LYS B 290 -21.73 -13.49 12.66
N ASN B 291 -20.72 -12.79 12.16
CA ASN B 291 -19.52 -12.47 12.96
C ASN B 291 -19.39 -11.06 13.53
N ILE B 292 -20.25 -10.13 13.13
CA ILE B 292 -20.19 -8.73 13.57
C ILE B 292 -20.16 -8.47 15.08
N ASP B 293 -20.85 -9.30 15.86
CA ASP B 293 -20.87 -9.21 17.32
C ASP B 293 -19.49 -9.50 17.90
N LYS B 294 -18.82 -10.51 17.31
CA LYS B 294 -17.48 -10.92 17.72
C LYS B 294 -16.41 -9.91 17.29
N VAL B 295 -16.58 -9.35 16.09
CA VAL B 295 -15.66 -8.35 15.53
C VAL B 295 -15.67 -7.06 16.36
N LEU B 296 -16.87 -6.67 16.76
CA LEU B 296 -17.10 -5.47 17.55
C LEU B 296 -16.86 -5.64 19.05
N ALA B 297 -16.59 -6.87 19.49
CA ALA B 297 -16.35 -7.18 20.89
C ALA B 297 -15.21 -6.41 21.57
N GLU B 298 -14.04 -6.34 20.92
CA GLU B 298 -12.87 -5.64 21.48
C GLU B 298 -13.06 -4.11 21.66
N PRO B 299 -13.60 -3.38 20.64
CA PRO B 299 -13.77 -1.94 20.88
C PRO B 299 -14.92 -1.60 21.85
N LEU B 300 -15.92 -2.48 21.92
CA LEU B 300 -17.05 -2.29 22.84
C LEU B 300 -16.58 -2.42 24.29
N GLU B 301 -15.62 -3.32 24.50
CA GLU B 301 -15.01 -3.62 25.80
C GLU B 301 -14.23 -2.41 26.32
N TYR B 302 -13.56 -1.72 25.39
CA TYR B 302 -12.77 -0.52 25.65
C TYR B 302 -13.65 0.58 26.23
N VAL B 303 -14.91 0.63 25.80
CA VAL B 303 -15.86 1.64 26.26
C VAL B 303 -17.05 1.13 27.08
N HIS B 304 -16.81 0.02 27.78
CA HIS B 304 -17.77 -0.63 28.68
C HIS B 304 -19.13 -1.08 28.12
N PHE B 305 -19.09 -1.68 26.93
CA PHE B 305 -20.27 -2.20 26.22
C PHE B 305 -21.52 -1.32 26.12
N PRO B 306 -21.43 -0.14 25.45
CA PRO B 306 -22.62 0.69 25.35
C PRO B 306 -23.62 0.04 24.39
N SER B 307 -24.90 0.35 24.53
CA SER B 307 -25.93 -0.23 23.68
C SER B 307 -25.67 0.21 22.23
N TYR B 308 -25.85 -0.74 21.31
CA TYR B 308 -25.65 -0.52 19.88
C TYR B 308 -26.49 0.64 19.37
N ASN B 309 -27.69 0.79 19.94
CA ASN B 309 -28.60 1.87 19.57
C ASN B 309 -28.30 3.22 20.22
N ASP B 310 -27.21 3.28 20.99
CA ASP B 310 -26.74 4.52 21.62
C ASP B 310 -25.45 4.92 20.90
N MET B 311 -25.19 4.30 19.74
CA MET B 311 -24.00 4.56 18.94
C MET B 311 -24.31 5.00 17.51
N PHE B 312 -23.42 5.78 16.90
CA PHE B 312 -23.60 6.19 15.51
C PHE B 312 -22.90 5.17 14.61
N TRP B 313 -23.44 4.96 13.41
CA TRP B 313 -22.92 3.95 12.49
C TRP B 313 -22.47 4.46 11.13
N ALA B 314 -21.19 4.27 10.87
CA ALA B 314 -20.59 4.64 9.59
C ALA B 314 -20.12 3.35 8.97
N VAL B 315 -21.09 2.56 8.51
CA VAL B 315 -20.85 1.27 7.88
C VAL B 315 -20.68 1.48 6.38
N HIS B 316 -19.71 0.78 5.80
CA HIS B 316 -19.44 0.84 4.37
C HIS B 316 -20.65 0.34 3.56
N PRO B 317 -21.22 1.20 2.69
CA PRO B 317 -22.38 0.85 1.86
C PRO B 317 -21.95 0.01 0.66
N GLY B 318 -21.53 -1.22 0.93
CA GLY B 318 -21.08 -2.14 -0.10
C GLY B 318 -22.18 -2.58 -1.03
N GLY B 319 -23.38 -2.63 -0.45
CA GLY B 319 -24.58 -3.02 -1.16
C GLY B 319 -25.73 -2.87 -0.17
N PRO B 320 -26.99 -3.08 -0.59
CA PRO B 320 -28.13 -2.96 0.34
C PRO B 320 -28.21 -4.09 1.36
N ALA B 321 -27.81 -5.28 0.92
CA ALA B 321 -27.83 -6.50 1.74
C ALA B 321 -27.00 -6.40 3.02
N ILE B 322 -25.80 -5.81 2.92
CA ILE B 322 -24.94 -5.67 4.09
C ILE B 322 -25.54 -4.76 5.15
N LEU B 323 -26.14 -3.65 4.72
CA LEU B 323 -26.76 -2.70 5.62
C LEU B 323 -27.99 -3.30 6.27
N ASP B 324 -28.79 -4.01 5.46
CA ASP B 324 -30.01 -4.67 5.93
C ASP B 324 -29.74 -5.79 6.94
N GLN B 325 -28.72 -6.60 6.64
CA GLN B 325 -28.35 -7.72 7.48
C GLN B 325 -27.61 -7.40 8.78
N ILE B 326 -26.85 -6.30 8.79
CA ILE B 326 -26.15 -5.87 10.02
C ILE B 326 -27.23 -5.26 10.93
N GLU B 327 -28.15 -4.49 10.32
CA GLU B 327 -29.26 -3.84 11.01
C GLU B 327 -30.19 -4.84 11.73
N ALA B 328 -30.49 -5.94 11.04
CA ALA B 328 -31.36 -6.99 11.56
C ALA B 328 -30.69 -7.87 12.63
N LYS B 329 -29.41 -8.20 12.42
CA LYS B 329 -28.64 -9.03 13.36
C LYS B 329 -28.37 -8.33 14.68
N LEU B 330 -28.05 -7.04 14.61
CA LEU B 330 -27.76 -6.23 15.80
C LEU B 330 -28.96 -5.53 16.40
N GLY B 331 -30.13 -5.71 15.79
CA GLY B 331 -31.38 -5.11 16.27
C GLY B 331 -31.36 -3.59 16.30
N LEU B 332 -30.74 -3.00 15.29
CA LEU B 332 -30.62 -1.56 15.18
C LEU B 332 -31.89 -0.88 14.69
N SER B 333 -32.16 0.29 15.24
CA SER B 333 -33.30 1.10 14.83
C SER B 333 -32.98 1.59 13.42
N THR B 334 -33.99 1.64 12.56
CA THR B 334 -33.86 2.04 11.16
C THR B 334 -33.07 3.30 10.79
N ASP B 335 -32.97 4.24 11.72
CA ASP B 335 -32.24 5.50 11.50
C ASP B 335 -30.71 5.40 11.60
N LYS B 336 -30.21 4.27 12.09
CA LYS B 336 -28.78 4.04 12.27
C LYS B 336 -28.02 3.90 10.96
N MET B 337 -28.58 3.10 10.06
CA MET B 337 -27.98 2.85 8.76
C MET B 337 -28.40 3.88 7.70
N GLN B 338 -29.15 4.90 8.12
CA GLN B 338 -29.65 5.93 7.19
C GLN B 338 -28.58 6.71 6.45
N ALA B 339 -27.55 7.16 7.14
CA ALA B 339 -26.45 7.90 6.52
C ALA B 339 -25.73 7.03 5.50
N SER B 340 -25.57 5.74 5.82
CA SER B 340 -24.95 4.76 4.94
C SER B 340 -25.85 4.49 3.74
N ARG B 341 -27.16 4.46 3.97
CA ARG B 341 -28.14 4.24 2.90
C ARG B 341 -28.26 5.44 2.00
N ASP B 342 -28.05 6.65 2.55
CA ASP B 342 -28.12 7.91 1.79
C ASP B 342 -26.92 8.00 0.86
N VAL B 343 -25.76 7.53 1.33
CA VAL B 343 -24.52 7.54 0.54
C VAL B 343 -24.65 6.53 -0.60
N LEU B 344 -25.24 5.37 -0.30
CA LEU B 344 -25.45 4.30 -1.29
C LEU B 344 -26.44 4.78 -2.36
N ALA B 345 -27.49 5.49 -1.90
CA ALA B 345 -28.52 6.03 -2.78
C ALA B 345 -28.01 7.10 -3.73
N SER B 346 -27.18 8.01 -3.20
CA SER B 346 -26.65 9.12 -3.98
C SER B 346 -25.41 8.83 -4.83
N TYR B 347 -24.55 7.90 -4.39
CA TYR B 347 -23.31 7.64 -5.12
C TYR B 347 -22.94 6.18 -5.38
N GLY B 348 -23.68 5.27 -4.77
CA GLY B 348 -23.37 3.85 -4.92
C GLY B 348 -22.23 3.44 -4.01
N ASN B 349 -21.53 2.39 -4.41
CA ASN B 349 -20.39 1.85 -3.66
C ASN B 349 -19.12 2.44 -4.29
N MET B 350 -18.53 3.40 -3.58
CA MET B 350 -17.31 4.06 -4.06
C MET B 350 -16.07 3.49 -3.37
N SER B 351 -16.13 2.19 -3.05
CA SER B 351 -15.05 1.45 -2.38
C SER B 351 -14.50 2.19 -1.15
N SER B 352 -13.19 2.44 -1.09
CA SER B 352 -12.55 3.12 0.03
C SER B 352 -13.14 4.47 0.44
N ALA B 353 -13.64 5.22 -0.53
CA ALA B 353 -14.22 6.55 -0.28
C ALA B 353 -15.54 6.59 0.46
N SER B 354 -16.37 5.57 0.23
CA SER B 354 -17.72 5.47 0.81
C SER B 354 -17.92 5.72 2.29
N VAL B 355 -17.12 5.07 3.13
CA VAL B 355 -17.24 5.19 4.58
C VAL B 355 -16.91 6.60 5.08
N LEU B 356 -16.06 7.29 4.33
CA LEU B 356 -15.66 8.64 4.67
C LEU B 356 -16.76 9.64 4.25
N PHE B 357 -17.55 9.25 3.25
CA PHE B 357 -18.69 10.05 2.76
C PHE B 357 -19.79 9.91 3.79
N VAL B 358 -19.89 8.72 4.41
CA VAL B 358 -20.89 8.44 5.44
C VAL B 358 -20.60 9.27 6.68
N LEU B 359 -19.32 9.37 7.04
CA LEU B 359 -18.89 10.16 8.20
C LEU B 359 -19.22 11.62 8.00
N ASP B 360 -19.06 12.08 6.75
CA ASP B 360 -19.35 13.44 6.36
C ASP B 360 -20.84 13.69 6.43
N GLN B 361 -21.64 12.70 6.02
CA GLN B 361 -23.09 12.80 6.04
C GLN B 361 -23.64 12.80 7.47
N ILE B 362 -23.00 12.03 8.36
CA ILE B 362 -23.37 11.96 9.78
C ILE B 362 -23.10 13.33 10.41
N ARG B 363 -21.94 13.90 10.07
CA ARG B 363 -21.51 15.22 10.55
C ARG B 363 -22.44 16.32 10.00
N LYS B 364 -22.74 16.27 8.70
CA LYS B 364 -23.61 17.25 8.05
C LYS B 364 -25.05 17.24 8.59
N ASN B 365 -25.60 16.05 8.81
CA ASN B 365 -26.96 15.87 9.35
C ASN B 365 -27.03 16.48 10.75
N SER B 366 -25.98 16.23 11.53
CA SER B 366 -25.85 16.71 12.90
C SER B 366 -25.82 18.22 13.02
N GLU B 367 -25.12 18.85 12.08
CA GLU B 367 -24.99 20.29 12.06
C GLU B 367 -26.26 20.98 11.57
N GLU B 368 -26.93 20.40 10.57
CA GLU B 368 -28.16 21.02 10.06
C GLU B 368 -29.38 20.83 10.98
N LEU B 369 -29.35 19.78 11.80
CA LEU B 369 -30.44 19.49 12.73
C LEU B 369 -30.14 20.00 14.15
N HIS B 370 -28.97 20.64 14.32
CA HIS B 370 -28.49 21.20 15.60
C HIS B 370 -28.48 20.16 16.73
N LEU B 371 -27.94 18.98 16.41
CA LEU B 371 -27.83 17.86 17.33
C LEU B 371 -26.75 18.08 18.38
N PRO B 372 -26.86 17.44 19.59
CA PRO B 372 -25.85 17.62 20.64
C PRO B 372 -24.42 17.29 20.23
N THR B 373 -24.25 16.28 19.37
CA THR B 373 -22.93 15.85 18.91
C THR B 373 -22.85 15.73 17.39
N THR B 374 -21.62 15.62 16.88
CA THR B 374 -21.35 15.46 15.44
C THR B 374 -21.69 14.05 14.96
N GLY B 375 -21.94 13.16 15.92
CA GLY B 375 -22.30 11.79 15.61
C GLY B 375 -23.76 11.52 15.85
N GLU B 376 -24.60 12.40 15.29
CA GLU B 376 -26.05 12.36 15.37
C GLU B 376 -26.67 12.31 16.79
N GLY B 377 -25.99 12.98 17.72
CA GLY B 377 -26.44 13.05 19.10
C GLY B 377 -25.84 11.97 19.99
N PHE B 378 -25.23 10.96 19.37
CA PHE B 378 -24.61 9.85 20.09
C PHE B 378 -23.13 10.10 20.37
N GLU B 379 -22.64 9.53 21.46
CA GLU B 379 -21.25 9.69 21.89
C GLU B 379 -20.26 8.82 21.12
N TRP B 380 -20.41 7.50 21.21
CA TRP B 380 -19.51 6.57 20.54
C TRP B 380 -20.06 6.06 19.23
N GLY B 381 -19.17 5.65 18.34
CA GLY B 381 -19.62 5.14 17.05
C GLY B 381 -18.61 4.29 16.32
N PHE B 382 -19.10 3.58 15.31
CA PHE B 382 -18.26 2.70 14.52
C PHE B 382 -18.11 3.07 13.07
N VAL B 383 -16.89 2.85 12.57
CA VAL B 383 -16.54 3.03 11.16
C VAL B 383 -16.19 1.60 10.79
N ILE B 384 -17.04 0.99 9.97
CA ILE B 384 -16.85 -0.40 9.55
C ILE B 384 -16.62 -0.53 8.05
N GLY B 385 -15.45 -1.05 7.72
CA GLY B 385 -15.08 -1.30 6.35
C GLY B 385 -14.92 -2.79 6.22
N PHE B 386 -15.23 -3.33 5.04
CA PHE B 386 -15.09 -4.77 4.80
C PHE B 386 -14.64 -5.04 3.38
N GLY B 387 -13.93 -6.14 3.18
CA GLY B 387 -13.48 -6.48 1.85
C GLY B 387 -12.70 -7.79 1.81
N PRO B 388 -11.78 -7.97 0.83
CA PRO B 388 -10.94 -9.17 0.64
C PRO B 388 -10.30 -9.77 1.88
N GLY B 389 -10.61 -11.05 2.12
CA GLY B 389 -10.08 -11.76 3.26
C GLY B 389 -10.88 -12.98 3.73
N LEU B 390 -12.12 -12.86 4.23
CA LEU B 390 -12.88 -11.61 4.39
C LEU B 390 -12.38 -10.81 5.58
N THR B 391 -11.91 -9.61 5.27
CA THR B 391 -11.38 -8.70 6.28
C THR B 391 -12.43 -7.67 6.64
N VAL B 392 -12.63 -7.47 7.93
CA VAL B 392 -13.55 -6.45 8.42
C VAL B 392 -12.66 -5.52 9.24
N GLU B 393 -12.59 -4.26 8.83
CA GLU B 393 -11.81 -3.23 9.51
C GLU B 393 -12.76 -2.34 10.29
N THR B 394 -12.46 -2.17 11.58
CA THR B 394 -13.30 -1.39 12.48
C THR B 394 -12.53 -0.34 13.25
N LEU B 395 -13.19 0.81 13.43
CA LEU B 395 -12.65 1.91 14.21
C LEU B 395 -13.73 2.41 15.15
N LEU B 396 -13.33 2.70 16.37
CA LEU B 396 -14.23 3.24 17.38
C LEU B 396 -13.95 4.74 17.44
N LEU B 397 -14.99 5.53 17.19
CA LEU B 397 -14.87 6.98 17.22
C LEU B 397 -15.73 7.63 18.27
N ARG B 398 -15.28 8.76 18.79
CA ARG B 398 -16.04 9.55 19.72
C ARG B 398 -16.36 10.80 18.93
N SER B 399 -17.60 11.26 19.05
CA SER B 399 -18.05 12.45 18.37
C SER B 399 -17.67 13.67 19.21
N ILE B 400 -17.86 14.85 18.63
CA ILE B 400 -17.55 16.10 19.31
C ILE B 400 -18.84 16.87 19.56
N ASN B 401 -18.93 17.45 20.76
CA ASN B 401 -20.10 18.23 21.18
C ASN B 401 -20.18 19.56 20.43
N ILE B 402 -21.38 19.86 19.94
CA ILE B 402 -21.65 21.10 19.20
C ILE B 402 -22.91 21.81 19.72
#